data_1KRF
#
_entry.id   1KRF
#
_cell.length_a   56.487
_cell.length_b   110.997
_cell.length_c   86.235
_cell.angle_alpha   90.00
_cell.angle_beta   99.17
_cell.angle_gamma   90.00
#
_symmetry.space_group_name_H-M   'P 1 21 1'
#
loop_
_entity.id
_entity.type
_entity.pdbx_description
1 polymer 'Mannosyl-oligosaccharide alpha-1,2-mannosidase'
2 branched 2-acetamido-2-deoxy-beta-D-glucopyranose-(1-4)-2-acetamido-2-deoxy-beta-D-glucopyranose
3 branched alpha-D-mannopyranose-(1-3)-[alpha-D-mannopyranose-(1-6)]alpha-D-mannopyranose-(1-4)-2-acetamido-2-deoxy-beta-D-glucopyranose-(1-4)-2-acetamido-2-deoxy-beta-D-glucopyranose
4 non-polymer 'CALCIUM ION'
5 non-polymer KIFUNENSINE
6 water water
#
_entity_poly.entity_id   1
_entity_poly.type   'polypeptide(L)'
_entity_poly.pdbx_seq_one_letter_code
;MRLPVSFPLTVLSLLGSTIAHPYGETEAVLRSEPKSNQAKADAVKEAFQHAWNGYMKYAFPHDELTPVSNGHADSRNGWG
ASAVDALSTAVIMGKADVVNAILEHVADIDFSKTSDTVSLFETTIRYLAGMLSGYDLLQGPAKNLVDNQDLIDGLLDQSR
NLADVLKFAFDTPSGVPYNNINITSHGNDGATTNGLAVTGTLVLEWTRLSDLTGDEEYAKLSQKAESYLLKPQPSSSEPF
PGLVGSSININDGQFADSRVSWNGGDDSFYEYLIKMYVYDPKRFETYKDRWVLAAESTIKHLKSHPKSRPDLTFLSSYSN
RNYDLSSQHLTCFDGGSFLLGGTVLDRQDFIDFGLELVDGCEATYNSTLTKIGPDSWGWDPKKVPSDQKEFYEKAGFYIS
SGSYVLRPEVIESFYYAHRVTGKEIYRDWVWNAFVAINSTCRTDSGFAAVSDVNKANGGSKYDNQESFLFAEVMKYSYLA
HSEDAAWQVQKGGKNTFVYNTEAHPISVARN
;
_entity_poly.pdbx_strand_id   A,B
#
loop_
_chem_comp.id
_chem_comp.type
_chem_comp.name
_chem_comp.formula
CA non-polymer 'CALCIUM ION' 'Ca 2'
KIF non-polymer KIFUNENSINE 'C8 H12 N2 O6'
MAN D-saccharide, alpha linking alpha-D-mannopyranose 'C6 H12 O6'
NAG D-saccharide, beta linking 2-acetamido-2-deoxy-beta-D-glucopyranose 'C8 H15 N O6'
#
# COMPACT_ATOMS: atom_id res chain seq x y z
N SER A 36 -8.20 -3.45 37.30
CA SER A 36 -7.14 -4.01 36.41
C SER A 36 -7.72 -4.30 35.04
N ASN A 37 -8.21 -5.53 34.86
CA ASN A 37 -8.82 -5.91 33.60
C ASN A 37 -10.12 -5.12 33.41
N GLN A 38 -10.77 -4.81 34.52
CA GLN A 38 -12.02 -4.05 34.48
C GLN A 38 -11.74 -2.67 33.89
N ALA A 39 -10.66 -2.06 34.33
CA ALA A 39 -10.28 -0.74 33.85
C ALA A 39 -9.94 -0.81 32.37
N LYS A 40 -9.28 -1.90 31.97
CA LYS A 40 -8.91 -2.10 30.57
C LYS A 40 -10.16 -2.33 29.74
N ALA A 41 -11.08 -3.13 30.27
CA ALA A 41 -12.32 -3.42 29.57
C ALA A 41 -13.05 -2.10 29.33
N ASP A 42 -13.07 -1.23 30.34
CA ASP A 42 -13.74 0.06 30.20
C ASP A 42 -13.04 0.92 29.18
N ALA A 43 -11.72 0.80 29.11
CA ALA A 43 -10.94 1.57 28.14
C ALA A 43 -11.37 1.21 26.71
N VAL A 44 -11.61 -0.07 26.45
CA VAL A 44 -12.02 -0.50 25.12
C VAL A 44 -13.43 0.01 24.80
N LYS A 45 -14.30 0.01 25.81
CA LYS A 45 -15.66 0.51 25.61
C LYS A 45 -15.62 1.99 25.26
N GLU A 46 -14.67 2.72 25.82
CA GLU A 46 -14.54 4.15 25.53
C GLU A 46 -14.12 4.34 24.07
N ALA A 47 -13.19 3.51 23.61
CA ALA A 47 -12.72 3.59 22.23
C ALA A 47 -13.88 3.29 21.28
N PHE A 48 -14.70 2.32 21.63
CA PHE A 48 -15.85 1.93 20.81
C PHE A 48 -16.85 3.10 20.77
N GLN A 49 -17.18 3.64 21.95
CA GLN A 49 -18.11 4.76 22.07
C GLN A 49 -17.60 5.95 21.25
N HIS A 50 -16.30 6.18 21.33
CA HIS A 50 -15.67 7.26 20.60
C HIS A 50 -16.00 7.15 19.11
N ALA A 51 -15.74 5.96 18.54
CA ALA A 51 -15.98 5.75 17.12
C ALA A 51 -17.47 5.76 16.81
N TRP A 52 -18.28 5.24 17.72
CA TRP A 52 -19.70 5.22 17.48
C TRP A 52 -20.26 6.65 17.44
N ASN A 53 -19.74 7.52 18.31
CA ASN A 53 -20.20 8.91 18.35
C ASN A 53 -19.82 9.64 17.07
N GLY A 54 -18.59 9.44 16.59
CA GLY A 54 -18.17 10.09 15.36
C GLY A 54 -18.97 9.58 14.17
N TYR A 55 -19.23 8.28 14.15
CA TYR A 55 -20.00 7.68 13.06
C TYR A 55 -21.43 8.24 13.04
N MET A 56 -22.07 8.25 14.21
CA MET A 56 -23.42 8.74 14.35
C MET A 56 -23.48 10.22 13.99
N LYS A 57 -22.45 10.95 14.41
CA LYS A 57 -22.34 12.38 14.17
C LYS A 57 -22.16 12.81 12.71
N TYR A 58 -21.35 12.08 11.94
CA TYR A 58 -21.11 12.47 10.56
C TYR A 58 -21.53 11.50 9.45
N ALA A 59 -21.81 10.24 9.77
CA ALA A 59 -22.14 9.29 8.71
C ALA A 59 -23.42 8.49 8.80
N PHE A 60 -23.85 8.14 10.00
CA PHE A 60 -25.08 7.37 10.16
C PHE A 60 -26.19 7.99 9.31
N PRO A 61 -26.96 7.17 8.57
CA PRO A 61 -26.95 5.70 8.44
C PRO A 61 -26.14 5.15 7.25
N HIS A 62 -25.20 5.92 6.72
CA HIS A 62 -24.39 5.45 5.60
C HIS A 62 -23.52 4.28 6.08
N ASP A 63 -22.94 3.54 5.13
CA ASP A 63 -22.14 2.38 5.48
C ASP A 63 -20.99 2.67 6.42
N GLU A 64 -20.25 3.74 6.15
CA GLU A 64 -19.17 4.05 7.03
C GLU A 64 -18.76 5.50 7.15
N LEU A 65 -18.01 5.75 8.21
CA LEU A 65 -17.48 7.07 8.51
C LEU A 65 -16.15 7.18 7.77
N THR A 66 -15.84 8.35 7.22
CA THR A 66 -14.53 8.56 6.60
C THR A 66 -13.93 9.35 7.77
N PRO A 67 -13.09 8.69 8.59
CA PRO A 67 -12.43 9.24 9.77
C PRO A 67 -11.50 10.44 9.69
N VAL A 68 -11.06 10.81 8.48
CA VAL A 68 -10.17 11.95 8.38
C VAL A 68 -10.92 13.21 7.96
N SER A 69 -11.80 13.09 6.97
CA SER A 69 -12.58 14.22 6.50
C SER A 69 -13.90 14.37 7.25
N ASN A 70 -14.19 13.42 8.14
CA ASN A 70 -15.43 13.43 8.92
C ASN A 70 -16.61 13.46 7.96
N GLY A 71 -16.66 12.48 7.07
CA GLY A 71 -17.73 12.38 6.10
C GLY A 71 -18.31 10.98 6.12
N HIS A 72 -18.88 10.56 5.00
CA HIS A 72 -19.47 9.24 4.91
C HIS A 72 -19.17 8.60 3.57
N ALA A 73 -19.28 7.28 3.53
CA ALA A 73 -19.05 6.53 2.31
C ALA A 73 -19.96 5.32 2.38
N ASP A 74 -20.24 4.73 1.22
CA ASP A 74 -21.10 3.57 1.18
C ASP A 74 -20.46 2.48 0.34
N SER A 75 -19.47 1.80 0.91
CA SER A 75 -18.80 0.75 0.18
C SER A 75 -19.51 -0.58 0.28
N ARG A 76 -20.58 -0.64 1.09
CA ARG A 76 -21.32 -1.89 1.27
C ARG A 76 -22.82 -1.80 0.93
N ASN A 77 -23.11 -1.27 -0.26
CA ASN A 77 -24.48 -1.14 -0.76
C ASN A 77 -25.42 -0.15 -0.08
N GLY A 78 -24.89 0.59 0.88
CA GLY A 78 -25.69 1.60 1.55
C GLY A 78 -26.72 1.20 2.58
N TRP A 79 -26.69 -0.04 3.09
CA TRP A 79 -27.67 -0.40 4.10
C TRP A 79 -27.18 -0.09 5.51
N GLY A 80 -26.04 0.58 5.63
CA GLY A 80 -25.52 0.92 6.95
C GLY A 80 -24.64 -0.18 7.56
N ALA A 81 -23.60 -0.55 6.84
CA ALA A 81 -22.69 -1.60 7.29
C ALA A 81 -22.10 -1.43 8.68
N SER A 82 -21.63 -0.24 9.01
CA SER A 82 -21.03 0.00 10.31
C SER A 82 -22.03 -0.14 11.45
N ALA A 83 -23.29 0.20 11.19
CA ALA A 83 -24.30 0.08 12.23
C ALA A 83 -24.61 -1.39 12.50
N VAL A 84 -24.78 -2.18 11.43
CA VAL A 84 -25.10 -3.60 11.59
C VAL A 84 -23.93 -4.39 12.16
N ASP A 85 -22.72 -4.11 11.68
CA ASP A 85 -21.53 -4.78 12.17
C ASP A 85 -21.26 -4.46 13.64
N ALA A 86 -21.69 -3.29 14.08
CA ALA A 86 -21.48 -2.87 15.47
C ALA A 86 -22.47 -3.49 16.45
N LEU A 87 -23.59 -4.00 15.93
CA LEU A 87 -24.62 -4.57 16.79
C LEU A 87 -24.14 -5.60 17.82
N SER A 88 -23.53 -6.69 17.36
CA SER A 88 -23.09 -7.73 18.28
C SER A 88 -22.10 -7.22 19.32
N THR A 89 -21.26 -6.26 18.95
CA THR A 89 -20.30 -5.71 19.90
C THR A 89 -21.01 -4.84 20.94
N ALA A 90 -21.96 -4.02 20.49
CA ALA A 90 -22.70 -3.15 21.40
C ALA A 90 -23.47 -4.00 22.43
N VAL A 91 -24.13 -5.05 21.95
CA VAL A 91 -24.87 -5.93 22.85
C VAL A 91 -23.96 -6.54 23.92
N ILE A 92 -22.81 -7.03 23.49
CA ILE A 92 -21.86 -7.64 24.42
C ILE A 92 -21.31 -6.58 25.40
N MET A 93 -21.14 -5.36 24.92
CA MET A 93 -20.64 -4.32 25.82
C MET A 93 -21.76 -3.77 26.70
N GLY A 94 -22.99 -4.22 26.46
CA GLY A 94 -24.13 -3.75 27.25
C GLY A 94 -24.53 -2.32 27.00
N LYS A 95 -24.30 -1.82 25.78
CA LYS A 95 -24.66 -0.45 25.45
C LYS A 95 -26.07 -0.42 24.82
N ALA A 96 -27.07 -0.27 25.69
CA ALA A 96 -28.47 -0.25 25.26
C ALA A 96 -28.79 0.85 24.25
N ASP A 97 -28.34 2.07 24.52
CA ASP A 97 -28.61 3.18 23.62
C ASP A 97 -28.16 2.87 22.20
N VAL A 98 -26.95 2.33 22.07
CA VAL A 98 -26.43 2.00 20.75
C VAL A 98 -27.25 0.87 20.13
N VAL A 99 -27.53 -0.17 20.92
CA VAL A 99 -28.32 -1.30 20.42
C VAL A 99 -29.68 -0.86 19.89
N ASN A 100 -30.40 -0.04 20.65
CA ASN A 100 -31.72 0.42 20.22
C ASN A 100 -31.66 1.24 18.92
N ALA A 101 -30.69 2.15 18.83
CA ALA A 101 -30.57 2.97 17.64
C ALA A 101 -30.32 2.08 16.42
N ILE A 102 -29.53 1.03 16.60
CA ILE A 102 -29.24 0.13 15.49
C ILE A 102 -30.46 -0.69 15.11
N LEU A 103 -31.17 -1.22 16.09
CA LEU A 103 -32.36 -2.02 15.82
C LEU A 103 -33.39 -1.20 15.07
N GLU A 104 -33.56 0.05 15.46
CA GLU A 104 -34.53 0.91 14.78
C GLU A 104 -34.15 1.15 13.34
N HIS A 105 -32.85 1.23 13.05
CA HIS A 105 -32.42 1.44 11.68
C HIS A 105 -32.56 0.15 10.87
N VAL A 106 -32.38 -1.01 11.51
CA VAL A 106 -32.52 -2.28 10.82
C VAL A 106 -33.95 -2.44 10.32
N ALA A 107 -34.89 -1.92 11.10
CA ALA A 107 -36.30 -2.01 10.76
C ALA A 107 -36.64 -1.25 9.48
N ASP A 108 -35.93 -0.17 9.19
CA ASP A 108 -36.26 0.58 7.99
C ASP A 108 -35.41 0.26 6.77
N ILE A 109 -34.51 -0.73 6.89
CA ILE A 109 -33.68 -1.09 5.75
C ILE A 109 -34.51 -1.84 4.71
N ASP A 110 -34.30 -1.52 3.44
CA ASP A 110 -34.99 -2.22 2.36
C ASP A 110 -33.87 -2.89 1.56
N PHE A 111 -33.59 -4.15 1.91
CA PHE A 111 -32.53 -4.89 1.25
C PHE A 111 -32.77 -5.20 -0.21
N SER A 112 -33.87 -4.70 -0.77
CA SER A 112 -34.13 -4.97 -2.18
C SER A 112 -33.62 -3.83 -3.05
N LYS A 113 -33.19 -2.74 -2.42
CA LYS A 113 -32.70 -1.60 -3.18
C LYS A 113 -31.28 -1.16 -2.87
N THR A 114 -30.49 -1.05 -3.92
CA THR A 114 -29.11 -0.59 -3.82
C THR A 114 -28.67 -0.24 -5.24
N SER A 115 -27.86 0.80 -5.36
CA SER A 115 -27.38 1.24 -6.65
C SER A 115 -26.09 0.55 -7.08
N ASP A 116 -25.53 -0.26 -6.18
CA ASP A 116 -24.28 -0.96 -6.48
C ASP A 116 -24.45 -2.46 -6.61
N THR A 117 -23.50 -3.10 -7.27
CA THR A 117 -23.52 -4.55 -7.42
C THR A 117 -23.27 -5.08 -6.02
N VAL A 118 -23.74 -6.29 -5.72
CA VAL A 118 -23.52 -6.82 -4.38
C VAL A 118 -22.63 -8.07 -4.34
N SER A 119 -21.77 -8.12 -3.33
CA SER A 119 -20.87 -9.24 -3.09
C SER A 119 -21.59 -10.19 -2.15
N LEU A 120 -21.85 -11.40 -2.62
CA LEU A 120 -22.55 -12.39 -1.81
C LEU A 120 -21.78 -12.69 -0.52
N PHE A 121 -20.45 -12.76 -0.61
CA PHE A 121 -19.60 -13.04 0.54
C PHE A 121 -19.63 -11.90 1.59
N GLU A 122 -19.30 -10.68 1.16
CA GLU A 122 -19.30 -9.53 2.08
C GLU A 122 -20.67 -9.34 2.74
N THR A 123 -21.71 -9.45 1.94
CA THR A 123 -23.07 -9.25 2.45
C THR A 123 -23.43 -10.33 3.47
N THR A 124 -22.95 -11.54 3.24
CA THR A 124 -23.23 -12.64 4.13
C THR A 124 -22.49 -12.53 5.48
N ILE A 125 -21.17 -12.33 5.44
CA ILE A 125 -20.42 -12.24 6.70
C ILE A 125 -20.64 -10.99 7.56
N ARG A 126 -21.10 -9.90 6.97
CA ARG A 126 -21.33 -8.68 7.77
C ARG A 126 -22.80 -8.51 8.12
N TYR A 127 -23.65 -8.27 7.12
CA TYR A 127 -25.08 -8.06 7.36
C TYR A 127 -25.85 -9.26 7.88
N LEU A 128 -25.82 -10.36 7.12
CA LEU A 128 -26.54 -11.57 7.51
C LEU A 128 -26.11 -12.04 8.89
N ALA A 129 -24.81 -12.31 9.05
CA ALA A 129 -24.31 -12.77 10.34
C ALA A 129 -24.53 -11.73 11.43
N GLY A 130 -24.38 -10.46 11.08
CA GLY A 130 -24.56 -9.39 12.04
C GLY A 130 -25.96 -9.36 12.66
N MET A 131 -26.99 -9.47 11.82
CA MET A 131 -28.36 -9.45 12.34
C MET A 131 -28.66 -10.77 13.07
N LEU A 132 -28.20 -11.88 12.49
CA LEU A 132 -28.41 -13.19 13.09
C LEU A 132 -27.74 -13.24 14.46
N SER A 133 -26.56 -12.65 14.56
CA SER A 133 -25.83 -12.62 15.82
C SER A 133 -26.60 -11.81 16.85
N GLY A 134 -27.08 -10.64 16.43
CA GLY A 134 -27.84 -9.80 17.34
C GLY A 134 -29.03 -10.58 17.86
N TYR A 135 -29.68 -11.31 16.97
CA TYR A 135 -30.85 -12.10 17.35
C TYR A 135 -30.51 -13.16 18.37
N ASP A 136 -29.51 -13.99 18.09
CA ASP A 136 -29.13 -15.04 19.03
C ASP A 136 -28.69 -14.48 20.37
N LEU A 137 -28.05 -13.32 20.34
CA LEU A 137 -27.58 -12.69 21.56
C LEU A 137 -28.70 -12.09 22.40
N LEU A 138 -29.56 -11.32 21.77
CA LEU A 138 -30.65 -10.67 22.48
C LEU A 138 -31.72 -11.65 22.92
N GLN A 139 -31.80 -12.78 22.24
CA GLN A 139 -32.78 -13.82 22.55
C GLN A 139 -32.20 -14.78 23.59
N GLY A 140 -30.90 -14.66 23.83
CA GLY A 140 -30.26 -15.53 24.79
C GLY A 140 -29.62 -14.86 25.99
N PRO A 141 -28.28 -14.90 26.09
CA PRO A 141 -27.53 -14.30 27.19
C PRO A 141 -27.77 -12.81 27.44
N ALA A 142 -28.32 -12.10 26.46
CA ALA A 142 -28.56 -10.68 26.65
C ALA A 142 -30.03 -10.32 26.54
N LYS A 143 -30.90 -11.26 26.92
CA LYS A 143 -32.34 -11.06 26.86
C LYS A 143 -32.88 -9.87 27.65
N ASN A 144 -32.19 -9.48 28.72
CA ASN A 144 -32.65 -8.35 29.54
C ASN A 144 -32.16 -6.97 29.11
N LEU A 145 -31.48 -6.88 27.98
CA LEU A 145 -30.93 -5.61 27.51
C LEU A 145 -31.89 -4.64 26.80
N VAL A 146 -32.80 -5.18 25.99
CA VAL A 146 -33.75 -4.35 25.24
C VAL A 146 -35.19 -4.73 25.56
N ASP A 147 -36.10 -3.76 25.45
CA ASP A 147 -37.51 -3.98 25.74
C ASP A 147 -38.33 -4.39 24.52
N ASN A 148 -38.28 -3.57 23.48
CA ASN A 148 -39.04 -3.83 22.27
C ASN A 148 -38.73 -5.22 21.70
N GLN A 149 -39.67 -6.15 21.84
CA GLN A 149 -39.49 -7.50 21.34
C GLN A 149 -39.70 -7.52 19.84
N ASP A 150 -40.39 -6.49 19.33
CA ASP A 150 -40.67 -6.40 17.91
C ASP A 150 -39.42 -6.04 17.11
N LEU A 151 -38.56 -5.21 17.67
CA LEU A 151 -37.33 -4.84 16.98
C LEU A 151 -36.39 -6.03 16.93
N ILE A 152 -36.46 -6.87 17.96
CA ILE A 152 -35.62 -8.07 18.02
C ILE A 152 -36.08 -9.13 17.02
N ASP A 153 -37.38 -9.36 16.95
CA ASP A 153 -37.89 -10.35 16.00
C ASP A 153 -37.62 -9.85 14.59
N GLY A 154 -37.60 -8.53 14.43
CA GLY A 154 -37.33 -7.93 13.13
C GLY A 154 -35.98 -8.33 12.58
N LEU A 155 -35.06 -8.69 13.45
CA LEU A 155 -33.73 -9.10 13.02
C LEU A 155 -33.79 -10.37 12.17
N LEU A 156 -34.60 -11.32 12.59
CA LEU A 156 -34.74 -12.58 11.88
C LEU A 156 -35.50 -12.36 10.59
N ASP A 157 -36.55 -11.56 10.65
CA ASP A 157 -37.36 -11.26 9.47
C ASP A 157 -36.47 -10.64 8.40
N GLN A 158 -35.71 -9.61 8.77
CA GLN A 158 -34.83 -8.94 7.82
C GLN A 158 -33.71 -9.86 7.32
N SER A 159 -33.30 -10.81 8.16
CA SER A 159 -32.25 -11.75 7.76
C SER A 159 -32.81 -12.64 6.65
N ARG A 160 -34.09 -12.99 6.78
CA ARG A 160 -34.76 -13.83 5.79
C ARG A 160 -34.97 -13.05 4.50
N ASN A 161 -35.42 -11.80 4.63
CA ASN A 161 -35.63 -10.96 3.46
C ASN A 161 -34.33 -10.81 2.70
N LEU A 162 -33.23 -10.67 3.43
CA LEU A 162 -31.92 -10.52 2.78
C LEU A 162 -31.55 -11.79 2.03
N ALA A 163 -31.65 -12.94 2.68
CA ALA A 163 -31.29 -14.19 2.01
C ALA A 163 -32.15 -14.41 0.76
N ASP A 164 -33.43 -14.07 0.86
CA ASP A 164 -34.36 -14.23 -0.26
C ASP A 164 -33.98 -13.40 -1.47
N VAL A 165 -33.45 -12.20 -1.24
CA VAL A 165 -33.06 -11.35 -2.36
C VAL A 165 -31.73 -11.78 -2.98
N LEU A 166 -30.93 -12.52 -2.22
CA LEU A 166 -29.61 -12.98 -2.69
C LEU A 166 -29.55 -14.42 -3.21
N LYS A 167 -30.46 -15.28 -2.76
CA LYS A 167 -30.40 -16.69 -3.14
C LYS A 167 -30.32 -17.08 -4.59
N PHE A 168 -30.70 -16.19 -5.50
CA PHE A 168 -30.64 -16.50 -6.92
C PHE A 168 -29.19 -16.63 -7.37
N ALA A 169 -28.27 -16.16 -6.54
CA ALA A 169 -26.85 -16.22 -6.87
C ALA A 169 -26.41 -17.67 -6.96
N PHE A 170 -27.10 -18.54 -6.22
CA PHE A 170 -26.79 -19.96 -6.20
C PHE A 170 -27.37 -20.74 -7.38
N ASP A 171 -28.25 -20.11 -8.15
CA ASP A 171 -28.88 -20.78 -9.29
C ASP A 171 -27.95 -20.89 -10.49
N THR A 172 -26.98 -21.78 -10.39
CA THR A 172 -26.01 -22.00 -11.45
C THR A 172 -26.01 -23.50 -11.76
N PRO A 173 -25.26 -23.94 -12.78
CA PRO A 173 -25.25 -25.38 -13.10
C PRO A 173 -24.79 -26.29 -11.95
N SER A 174 -23.69 -25.92 -11.31
CA SER A 174 -23.14 -26.72 -10.21
C SER A 174 -23.74 -26.42 -8.85
N GLY A 175 -24.10 -25.17 -8.64
CA GLY A 175 -24.64 -24.77 -7.35
C GLY A 175 -23.63 -23.84 -6.71
N VAL A 176 -22.46 -23.71 -7.34
CA VAL A 176 -21.43 -22.81 -6.87
C VAL A 176 -21.99 -21.46 -7.31
N PRO A 177 -22.17 -20.52 -6.38
CA PRO A 177 -22.72 -19.22 -6.75
C PRO A 177 -21.82 -18.22 -7.44
N TYR A 178 -22.47 -17.20 -7.99
CA TYR A 178 -21.77 -16.08 -8.59
C TYR A 178 -21.65 -15.17 -7.37
N ASN A 179 -20.45 -14.67 -7.10
CA ASN A 179 -20.27 -13.82 -5.93
C ASN A 179 -20.71 -12.38 -6.16
N ASN A 180 -20.51 -11.89 -7.37
CA ASN A 180 -20.86 -10.52 -7.71
C ASN A 180 -22.11 -10.50 -8.55
N ILE A 181 -23.20 -10.07 -7.92
CA ILE A 181 -24.48 -10.04 -8.57
C ILE A 181 -25.17 -8.68 -8.55
N ASN A 182 -26.20 -8.58 -9.38
CA ASN A 182 -27.02 -7.39 -9.51
C ASN A 182 -28.39 -7.87 -9.02
N ILE A 183 -28.76 -7.50 -7.79
CA ILE A 183 -30.02 -7.96 -7.23
C ILE A 183 -31.30 -7.46 -7.89
N THR A 184 -31.21 -6.45 -8.75
CA THR A 184 -32.41 -5.96 -9.42
C THR A 184 -32.66 -6.74 -10.71
N SER A 185 -31.63 -6.88 -11.53
CA SER A 185 -31.77 -7.60 -12.80
C SER A 185 -31.48 -9.10 -12.70
N HIS A 186 -30.90 -9.52 -11.59
CA HIS A 186 -30.55 -10.93 -11.37
C HIS A 186 -29.36 -11.28 -12.23
N GLY A 187 -28.69 -10.25 -12.73
CA GLY A 187 -27.52 -10.47 -13.56
C GLY A 187 -26.28 -10.71 -12.71
N ASN A 188 -25.15 -10.94 -13.37
CA ASN A 188 -23.91 -11.20 -12.67
C ASN A 188 -22.66 -10.66 -13.37
N ASP A 189 -21.53 -11.00 -12.76
CA ASP A 189 -20.19 -10.62 -13.16
C ASP A 189 -19.75 -11.18 -14.52
N GLY A 190 -20.29 -12.33 -14.88
CA GLY A 190 -19.89 -12.96 -16.13
C GLY A 190 -18.75 -13.90 -15.79
N ALA A 191 -18.37 -13.88 -14.51
CA ALA A 191 -17.28 -14.71 -13.99
C ALA A 191 -17.44 -16.20 -14.30
N THR A 192 -16.33 -16.88 -14.55
CA THR A 192 -16.36 -18.30 -14.84
C THR A 192 -15.99 -19.10 -13.59
N THR A 193 -15.22 -18.48 -12.69
CA THR A 193 -14.83 -19.16 -11.46
C THR A 193 -15.18 -18.33 -10.22
N ASN A 194 -15.28 -19.00 -9.08
CA ASN A 194 -15.58 -18.31 -7.83
C ASN A 194 -14.46 -18.67 -6.86
N GLY A 195 -14.00 -17.68 -6.07
CA GLY A 195 -12.92 -17.95 -5.14
C GLY A 195 -13.22 -18.97 -4.07
N LEU A 196 -12.17 -19.52 -3.46
CA LEU A 196 -12.31 -20.52 -2.41
C LEU A 196 -12.98 -19.94 -1.16
N ALA A 197 -12.48 -18.82 -0.66
CA ALA A 197 -13.05 -18.21 0.54
C ALA A 197 -14.46 -17.69 0.28
N VAL A 198 -14.66 -17.01 -0.86
CA VAL A 198 -15.99 -16.47 -1.13
C VAL A 198 -17.01 -17.60 -1.31
N THR A 199 -16.54 -18.79 -1.66
CA THR A 199 -17.46 -19.91 -1.84
C THR A 199 -17.62 -20.70 -0.53
N GLY A 200 -16.52 -20.86 0.21
CA GLY A 200 -16.56 -21.63 1.44
C GLY A 200 -16.82 -20.90 2.75
N THR A 201 -17.24 -19.65 2.66
CA THR A 201 -17.50 -18.89 3.88
C THR A 201 -18.93 -18.37 3.90
N LEU A 202 -19.87 -19.26 3.59
CA LEU A 202 -21.29 -18.92 3.54
C LEU A 202 -22.15 -19.89 4.34
N VAL A 203 -21.65 -21.13 4.44
CA VAL A 203 -22.37 -22.19 5.13
C VAL A 203 -22.81 -21.96 6.58
N LEU A 204 -21.98 -21.29 7.37
CA LEU A 204 -22.31 -21.05 8.77
C LEU A 204 -23.58 -20.21 8.94
N GLU A 205 -23.61 -19.06 8.27
CA GLU A 205 -24.75 -18.17 8.42
C GLU A 205 -26.01 -18.59 7.66
N TRP A 206 -25.84 -19.20 6.48
CA TRP A 206 -27.00 -19.63 5.72
C TRP A 206 -27.64 -20.85 6.40
N THR A 207 -26.84 -21.71 7.01
CA THR A 207 -27.37 -22.88 7.71
C THR A 207 -28.04 -22.40 8.99
N ARG A 208 -27.45 -21.39 9.62
CA ARG A 208 -28.04 -20.86 10.83
C ARG A 208 -29.41 -20.25 10.53
N LEU A 209 -29.56 -19.66 9.35
CA LEU A 209 -30.85 -19.07 8.98
C LEU A 209 -31.92 -20.16 8.80
N SER A 210 -31.51 -21.28 8.21
CA SER A 210 -32.44 -22.39 8.02
C SER A 210 -32.85 -22.95 9.37
N ASP A 211 -31.87 -23.14 10.25
CA ASP A 211 -32.14 -23.68 11.58
C ASP A 211 -33.11 -22.81 12.39
N LEU A 212 -33.07 -21.50 12.18
CA LEU A 212 -33.94 -20.59 12.92
C LEU A 212 -35.31 -20.37 12.25
N THR A 213 -35.39 -20.55 10.95
CA THR A 213 -36.65 -20.33 10.25
C THR A 213 -37.41 -21.62 10.00
N GLY A 214 -36.71 -22.74 10.00
CA GLY A 214 -37.37 -24.00 9.73
C GLY A 214 -37.40 -24.25 8.23
N ASP A 215 -36.90 -23.29 7.46
CA ASP A 215 -36.85 -23.41 6.00
C ASP A 215 -35.47 -23.92 5.59
N GLU A 216 -35.42 -25.18 5.14
CA GLU A 216 -34.19 -25.86 4.73
C GLU A 216 -33.51 -25.35 3.46
N GLU A 217 -34.19 -24.49 2.72
CA GLU A 217 -33.65 -23.99 1.47
C GLU A 217 -32.27 -23.30 1.60
N TYR A 218 -32.12 -22.48 2.63
CA TYR A 218 -30.86 -21.76 2.86
C TYR A 218 -29.68 -22.68 3.13
N ALA A 219 -29.89 -23.69 3.96
CA ALA A 219 -28.85 -24.64 4.30
C ALA A 219 -28.50 -25.51 3.09
N LYS A 220 -29.51 -25.90 2.31
CA LYS A 220 -29.27 -26.74 1.14
C LYS A 220 -28.41 -26.06 0.10
N LEU A 221 -28.70 -24.79 -0.18
CA LEU A 221 -27.96 -24.04 -1.19
C LEU A 221 -26.48 -23.88 -0.84
N SER A 222 -26.21 -23.37 0.37
CA SER A 222 -24.82 -23.17 0.78
C SER A 222 -24.08 -24.48 0.95
N GLN A 223 -24.73 -25.48 1.54
CA GLN A 223 -24.08 -26.76 1.74
C GLN A 223 -23.78 -27.49 0.42
N LYS A 224 -24.59 -27.21 -0.60
CA LYS A 224 -24.38 -27.84 -1.90
C LYS A 224 -23.14 -27.21 -2.52
N ALA A 225 -23.01 -25.88 -2.41
CA ALA A 225 -21.84 -25.19 -2.93
C ALA A 225 -20.59 -25.70 -2.19
N GLU A 226 -20.73 -25.90 -0.88
CA GLU A 226 -19.62 -26.38 -0.05
C GLU A 226 -19.21 -27.82 -0.40
N SER A 227 -20.17 -28.64 -0.85
CA SER A 227 -19.88 -30.03 -1.18
C SER A 227 -18.70 -30.20 -2.14
N TYR A 228 -18.60 -29.32 -3.13
CA TYR A 228 -17.49 -29.44 -4.08
C TYR A 228 -16.13 -29.18 -3.44
N LEU A 229 -16.11 -28.45 -2.34
CA LEU A 229 -14.86 -28.13 -1.65
C LEU A 229 -14.42 -29.29 -0.75
N LEU A 230 -15.39 -30.09 -0.27
CA LEU A 230 -15.10 -31.22 0.61
C LEU A 230 -14.60 -32.46 -0.16
N LYS A 231 -14.91 -32.52 -1.45
CA LYS A 231 -14.49 -33.64 -2.32
C LYS A 231 -13.89 -33.02 -3.56
N PRO A 232 -12.65 -32.52 -3.46
CA PRO A 232 -11.98 -31.90 -4.59
C PRO A 232 -11.67 -32.74 -5.83
N GLN A 233 -11.92 -32.15 -6.99
CA GLN A 233 -11.66 -32.77 -8.29
C GLN A 233 -11.25 -31.62 -9.20
N PRO A 234 -10.23 -31.81 -10.04
CA PRO A 234 -9.41 -33.03 -10.22
C PRO A 234 -8.59 -33.30 -8.97
N SER A 235 -8.05 -34.51 -8.86
CA SER A 235 -7.25 -34.88 -7.70
C SER A 235 -5.98 -34.05 -7.66
N SER A 236 -5.58 -33.53 -8.82
CA SER A 236 -4.36 -32.71 -8.87
C SER A 236 -4.61 -31.33 -8.28
N SER A 237 -5.87 -31.02 -7.98
CA SER A 237 -6.21 -29.73 -7.39
C SER A 237 -6.03 -29.79 -5.87
N GLU A 238 -5.73 -30.98 -5.37
CA GLU A 238 -5.50 -31.20 -3.95
C GLU A 238 -4.09 -31.77 -3.82
N PRO A 239 -3.06 -30.90 -3.94
CA PRO A 239 -1.64 -31.22 -3.86
C PRO A 239 -1.27 -32.08 -2.64
N PHE A 240 -1.90 -31.77 -1.51
CA PHE A 240 -1.68 -32.50 -0.27
C PHE A 240 -3.05 -32.76 0.36
N PRO A 241 -3.18 -33.83 1.14
CA PRO A 241 -4.46 -34.15 1.79
C PRO A 241 -5.09 -32.96 2.52
N GLY A 242 -6.30 -32.58 2.12
CA GLY A 242 -6.98 -31.47 2.78
C GLY A 242 -6.72 -30.06 2.27
N LEU A 243 -5.61 -29.88 1.56
CA LEU A 243 -5.26 -28.57 1.00
C LEU A 243 -5.72 -28.53 -0.45
N VAL A 244 -6.58 -27.57 -0.77
CA VAL A 244 -7.14 -27.45 -2.11
C VAL A 244 -6.80 -26.17 -2.86
N GLY A 245 -7.21 -26.14 -4.13
CA GLY A 245 -6.95 -24.99 -4.98
C GLY A 245 -7.67 -23.73 -4.54
N SER A 246 -7.36 -22.61 -5.19
CA SER A 246 -7.92 -21.31 -4.85
C SER A 246 -9.16 -20.81 -5.60
N SER A 247 -9.55 -21.49 -6.67
CA SER A 247 -10.73 -21.08 -7.42
C SER A 247 -11.49 -22.28 -7.94
N ILE A 248 -12.81 -22.11 -8.08
CA ILE A 248 -13.70 -23.18 -8.52
C ILE A 248 -14.51 -22.76 -9.74
N ASN A 249 -14.64 -23.66 -10.72
CA ASN A 249 -15.43 -23.39 -11.94
C ASN A 249 -16.90 -23.41 -11.56
N ILE A 250 -17.63 -22.37 -11.91
CA ILE A 250 -19.05 -22.28 -11.61
C ILE A 250 -19.86 -23.32 -12.40
N ASN A 251 -19.42 -23.61 -13.62
CA ASN A 251 -20.16 -24.56 -14.44
C ASN A 251 -20.15 -26.01 -13.98
N ASP A 252 -19.01 -26.53 -13.55
CA ASP A 252 -18.96 -27.93 -13.12
C ASP A 252 -18.56 -28.15 -11.66
N GLY A 253 -18.11 -27.09 -10.99
CA GLY A 253 -17.72 -27.25 -9.60
C GLY A 253 -16.36 -27.87 -9.39
N GLN A 254 -15.54 -27.91 -10.44
CA GLN A 254 -14.20 -28.46 -10.32
C GLN A 254 -13.24 -27.31 -10.07
N PHE A 255 -12.11 -27.58 -9.41
CA PHE A 255 -11.14 -26.52 -9.13
C PHE A 255 -10.42 -26.13 -10.42
N ALA A 256 -10.13 -24.84 -10.55
CA ALA A 256 -9.47 -24.32 -11.74
C ALA A 256 -7.97 -24.17 -11.60
N ASP A 257 -7.45 -24.35 -10.38
CA ASP A 257 -6.02 -24.24 -10.14
C ASP A 257 -5.63 -25.10 -8.94
N SER A 258 -4.34 -25.21 -8.69
CA SER A 258 -3.85 -26.02 -7.58
C SER A 258 -3.04 -25.18 -6.60
N ARG A 259 -3.26 -23.87 -6.60
CA ARG A 259 -2.55 -22.95 -5.71
C ARG A 259 -3.11 -23.10 -4.29
N VAL A 260 -2.25 -23.53 -3.37
CA VAL A 260 -2.66 -23.74 -1.99
C VAL A 260 -2.20 -22.57 -1.13
N SER A 261 -3.08 -22.08 -0.26
CA SER A 261 -2.74 -20.94 0.59
C SER A 261 -3.77 -20.71 1.69
N TRP A 262 -3.35 -20.03 2.75
CA TRP A 262 -4.25 -19.69 3.83
C TRP A 262 -4.44 -18.17 3.81
N ASN A 263 -3.87 -17.52 2.78
CA ASN A 263 -3.96 -16.07 2.62
C ASN A 263 -5.36 -15.61 2.21
N GLY A 264 -5.51 -14.29 2.10
CA GLY A 264 -6.78 -13.72 1.68
C GLY A 264 -7.22 -14.36 0.39
N GLY A 265 -8.51 -14.64 0.27
CA GLY A 265 -9.01 -15.28 -0.94
C GLY A 265 -9.19 -16.77 -0.69
N ASP A 266 -8.47 -17.27 0.31
CA ASP A 266 -8.53 -18.69 0.68
C ASP A 266 -8.93 -18.83 2.15
N ASP A 267 -8.20 -18.11 3.00
CA ASP A 267 -8.38 -18.12 4.46
C ASP A 267 -9.65 -18.71 5.06
N SER A 268 -10.73 -17.94 4.99
CA SER A 268 -12.01 -18.30 5.55
C SER A 268 -12.56 -19.71 5.26
N PHE A 269 -12.16 -20.30 4.14
CA PHE A 269 -12.63 -21.64 3.83
C PHE A 269 -12.23 -22.63 4.93
N TYR A 270 -10.95 -22.65 5.29
CA TYR A 270 -10.46 -23.57 6.32
C TYR A 270 -11.00 -23.26 7.71
N GLU A 271 -11.17 -21.97 7.98
CA GLU A 271 -11.69 -21.48 9.25
C GLU A 271 -13.07 -22.10 9.53
N TYR A 272 -13.94 -22.04 8.53
CA TYR A 272 -15.30 -22.57 8.67
C TYR A 272 -15.39 -24.10 8.75
N LEU A 273 -14.38 -24.80 8.24
CA LEU A 273 -14.38 -26.24 8.30
C LEU A 273 -14.54 -26.68 9.75
N ILE A 274 -13.66 -26.20 10.63
CA ILE A 274 -13.73 -26.58 12.03
C ILE A 274 -14.88 -25.89 12.78
N LYS A 275 -15.19 -24.65 12.42
CA LYS A 275 -16.29 -23.95 13.08
C LYS A 275 -17.65 -24.63 12.87
N MET A 276 -17.89 -25.17 11.68
CA MET A 276 -19.16 -25.85 11.41
C MET A 276 -19.30 -27.06 12.34
N TYR A 277 -18.17 -27.70 12.64
CA TYR A 277 -18.16 -28.85 13.54
C TYR A 277 -18.58 -28.42 14.96
N VAL A 278 -18.10 -27.26 15.39
CA VAL A 278 -18.44 -26.74 16.70
C VAL A 278 -19.92 -26.36 16.75
N TYR A 279 -20.43 -25.88 15.62
CA TYR A 279 -21.83 -25.50 15.51
C TYR A 279 -22.75 -26.70 15.72
N ASP A 280 -22.41 -27.82 15.09
CA ASP A 280 -23.20 -29.04 15.21
C ASP A 280 -22.34 -30.23 14.80
N PRO A 281 -21.67 -30.86 15.77
CA PRO A 281 -20.80 -32.01 15.53
C PRO A 281 -21.50 -33.23 14.94
N LYS A 282 -22.81 -33.33 15.17
CA LYS A 282 -23.59 -34.46 14.66
C LYS A 282 -23.84 -34.35 13.16
N ARG A 283 -24.08 -33.13 12.70
CA ARG A 283 -24.35 -32.89 11.28
C ARG A 283 -23.10 -32.65 10.45
N PHE A 284 -22.06 -32.06 11.05
CA PHE A 284 -20.88 -31.74 10.27
C PHE A 284 -19.61 -32.42 10.68
N GLU A 285 -19.69 -33.70 11.03
CA GLU A 285 -18.50 -34.44 11.42
C GLU A 285 -17.54 -34.46 10.24
N THR A 286 -18.11 -34.52 9.04
CA THR A 286 -17.32 -34.56 7.82
C THR A 286 -16.46 -33.30 7.63
N TYR A 287 -16.98 -32.16 8.05
CA TYR A 287 -16.22 -30.92 7.92
C TYR A 287 -14.96 -31.02 8.77
N LYS A 288 -15.11 -31.54 9.99
CA LYS A 288 -13.99 -31.73 10.91
C LYS A 288 -12.88 -32.58 10.30
N ASP A 289 -13.25 -33.73 9.75
CA ASP A 289 -12.27 -34.65 9.14
C ASP A 289 -11.46 -33.93 8.07
N ARG A 290 -12.14 -33.12 7.27
CA ARG A 290 -11.48 -32.36 6.22
C ARG A 290 -10.53 -31.31 6.82
N TRP A 291 -10.94 -30.71 7.94
CA TRP A 291 -10.10 -29.71 8.58
C TRP A 291 -8.85 -30.36 9.17
N VAL A 292 -9.03 -31.51 9.82
CA VAL A 292 -7.93 -32.24 10.42
C VAL A 292 -6.90 -32.57 9.34
N LEU A 293 -7.38 -33.00 8.18
CA LEU A 293 -6.48 -33.32 7.08
C LEU A 293 -5.70 -32.05 6.70
N ALA A 294 -6.44 -30.96 6.52
CA ALA A 294 -5.83 -29.68 6.16
C ALA A 294 -4.84 -29.22 7.22
N ALA A 295 -5.20 -29.36 8.48
CA ALA A 295 -4.34 -28.95 9.58
C ALA A 295 -3.04 -29.74 9.61
N GLU A 296 -3.13 -31.05 9.44
CA GLU A 296 -1.94 -31.90 9.44
C GLU A 296 -1.04 -31.65 8.24
N SER A 297 -1.63 -31.49 7.05
CA SER A 297 -0.82 -31.22 5.87
C SER A 297 -0.16 -29.85 5.93
N THR A 298 -0.85 -28.91 6.58
CA THR A 298 -0.33 -27.55 6.71
C THR A 298 0.90 -27.59 7.62
N ILE A 299 0.82 -28.33 8.71
CA ILE A 299 1.94 -28.45 9.64
C ILE A 299 3.12 -29.11 8.93
N LYS A 300 2.85 -30.17 8.18
CA LYS A 300 3.89 -30.89 7.50
C LYS A 300 4.49 -30.19 6.28
N HIS A 301 3.68 -29.45 5.52
CA HIS A 301 4.19 -28.82 4.31
C HIS A 301 4.26 -27.30 4.20
N LEU A 302 3.33 -26.59 4.85
CA LEU A 302 3.34 -25.14 4.75
C LEU A 302 4.15 -24.43 5.82
N LYS A 303 4.46 -25.14 6.89
CA LYS A 303 5.25 -24.61 7.99
C LYS A 303 6.54 -24.08 7.39
N SER A 304 6.97 -22.91 7.85
CA SER A 304 8.19 -22.29 7.33
C SER A 304 8.89 -21.40 8.36
N HIS A 305 10.22 -21.43 8.36
CA HIS A 305 11.03 -20.61 9.28
C HIS A 305 11.98 -19.71 8.51
N PRO A 306 12.09 -18.43 8.88
CA PRO A 306 12.99 -17.50 8.19
C PRO A 306 14.44 -17.92 8.44
N LYS A 307 15.30 -17.70 7.44
CA LYS A 307 16.71 -18.03 7.55
C LYS A 307 17.37 -17.34 8.73
N SER A 308 17.09 -16.05 8.89
CA SER A 308 17.69 -15.27 9.97
C SER A 308 17.06 -15.50 11.34
N ARG A 309 15.90 -16.12 11.38
CA ARG A 309 15.22 -16.38 12.64
C ARG A 309 14.51 -17.72 12.63
N PRO A 310 15.27 -18.81 12.76
CA PRO A 310 14.73 -20.17 12.76
C PRO A 310 13.68 -20.36 13.85
N ASP A 311 13.73 -19.50 14.86
CA ASP A 311 12.79 -19.57 15.98
C ASP A 311 11.39 -19.04 15.66
N LEU A 312 11.22 -18.42 14.50
CA LEU A 312 9.91 -17.90 14.12
C LEU A 312 9.23 -18.81 13.09
N THR A 313 7.92 -18.95 13.19
CA THR A 313 7.17 -19.79 12.27
C THR A 313 6.05 -19.03 11.57
N PHE A 314 6.05 -19.13 10.24
CA PHE A 314 5.03 -18.50 9.40
C PHE A 314 4.50 -19.60 8.47
N LEU A 315 3.45 -19.28 7.73
CA LEU A 315 2.92 -20.24 6.76
C LEU A 315 3.24 -19.72 5.38
N SER A 316 3.68 -20.62 4.50
CA SER A 316 4.01 -20.25 3.13
C SER A 316 2.87 -20.69 2.22
N SER A 317 2.96 -20.33 0.95
CA SER A 317 1.98 -20.72 -0.05
C SER A 317 2.66 -21.74 -0.96
N TYR A 318 1.85 -22.62 -1.55
CA TYR A 318 2.39 -23.67 -2.40
C TYR A 318 1.68 -23.76 -3.73
N SER A 319 2.48 -23.85 -4.79
CA SER A 319 1.95 -23.99 -6.14
C SER A 319 2.89 -24.81 -7.02
N ASN A 320 2.45 -25.99 -7.41
CA ASN A 320 3.23 -26.87 -8.26
C ASN A 320 4.67 -27.07 -7.79
N ARG A 321 4.84 -27.55 -6.56
CA ARG A 321 6.17 -27.82 -6.02
C ARG A 321 6.98 -26.61 -5.58
N ASN A 322 6.53 -25.41 -5.93
CA ASN A 322 7.24 -24.19 -5.54
C ASN A 322 6.61 -23.50 -4.33
N TYR A 323 7.44 -23.02 -3.40
CA TYR A 323 6.93 -22.34 -2.22
C TYR A 323 7.03 -20.82 -2.27
N ASP A 324 5.97 -20.14 -1.84
CA ASP A 324 5.95 -18.69 -1.80
C ASP A 324 6.23 -18.31 -0.35
N LEU A 325 7.42 -17.78 -0.09
CA LEU A 325 7.82 -17.40 1.25
C LEU A 325 7.38 -16.00 1.70
N SER A 326 6.07 -15.81 1.77
CA SER A 326 5.51 -14.53 2.19
C SER A 326 4.15 -14.78 2.82
N SER A 327 3.67 -13.83 3.60
CA SER A 327 2.37 -13.98 4.24
C SER A 327 1.64 -12.63 4.38
N GLN A 328 0.45 -12.67 4.96
CA GLN A 328 -0.35 -11.45 5.13
C GLN A 328 -0.92 -11.36 6.54
N HIS A 329 -1.31 -10.16 6.94
CA HIS A 329 -1.93 -9.93 8.24
C HIS A 329 -3.17 -10.84 8.27
N LEU A 330 -3.88 -10.90 7.14
CA LEU A 330 -5.07 -11.75 7.01
C LEU A 330 -4.78 -13.19 7.41
N THR A 331 -3.62 -13.72 7.02
CA THR A 331 -3.25 -15.10 7.32
C THR A 331 -3.14 -15.38 8.82
N CYS A 332 -2.87 -14.33 9.60
CA CYS A 332 -2.71 -14.50 11.05
C CYS A 332 -3.92 -15.01 11.79
N PHE A 333 -5.02 -15.24 11.08
CA PHE A 333 -6.19 -15.81 11.73
C PHE A 333 -5.85 -17.29 12.00
N ASP A 334 -4.84 -17.81 11.29
CA ASP A 334 -4.46 -19.22 11.40
C ASP A 334 -4.20 -19.76 12.81
N GLY A 335 -3.47 -18.99 13.60
CA GLY A 335 -3.18 -19.44 14.96
C GLY A 335 -4.47 -19.73 15.68
N GLY A 336 -5.43 -18.81 15.55
CA GLY A 336 -6.72 -18.97 16.20
C GLY A 336 -7.46 -20.22 15.74
N SER A 337 -7.36 -20.53 14.45
CA SER A 337 -8.02 -21.71 13.92
C SER A 337 -7.42 -22.98 14.54
N PHE A 338 -6.08 -23.07 14.54
CA PHE A 338 -5.42 -24.23 15.13
C PHE A 338 -5.73 -24.37 16.61
N LEU A 339 -5.83 -23.25 17.30
CA LEU A 339 -6.14 -23.27 18.73
C LEU A 339 -7.57 -23.77 18.99
N LEU A 340 -8.52 -23.28 18.20
CA LEU A 340 -9.92 -23.67 18.36
C LEU A 340 -10.06 -25.18 18.12
N GLY A 341 -9.61 -25.65 16.96
CA GLY A 341 -9.71 -27.07 16.65
C GLY A 341 -8.91 -27.87 17.66
N GLY A 342 -7.80 -27.30 18.10
CA GLY A 342 -6.95 -27.98 19.08
C GLY A 342 -7.68 -28.28 20.37
N THR A 343 -8.33 -27.27 20.95
CA THR A 343 -9.03 -27.48 22.21
C THR A 343 -10.29 -28.32 22.04
N VAL A 344 -10.99 -28.14 20.93
CA VAL A 344 -12.21 -28.88 20.69
C VAL A 344 -11.94 -30.37 20.44
N LEU A 345 -10.84 -30.68 19.76
CA LEU A 345 -10.49 -32.07 19.45
C LEU A 345 -9.49 -32.65 20.44
N ASP A 346 -9.05 -31.82 21.38
CA ASP A 346 -8.08 -32.23 22.37
C ASP A 346 -6.83 -32.76 21.70
N ARG A 347 -6.32 -31.98 20.75
CA ARG A 347 -5.12 -32.30 20.01
C ARG A 347 -4.08 -31.26 20.46
N GLN A 348 -3.18 -31.68 21.35
CA GLN A 348 -2.16 -30.79 21.88
C GLN A 348 -1.18 -30.34 20.79
N ASP A 349 -1.04 -31.14 19.75
CA ASP A 349 -0.13 -30.78 18.67
C ASP A 349 -0.65 -29.59 17.85
N PHE A 350 -1.97 -29.49 17.72
CA PHE A 350 -2.56 -28.36 16.98
C PHE A 350 -2.45 -27.12 17.84
N ILE A 351 -2.66 -27.30 19.15
CA ILE A 351 -2.54 -26.18 20.08
C ILE A 351 -1.11 -25.67 20.07
N ASP A 352 -0.15 -26.59 20.11
CA ASP A 352 1.26 -26.18 20.10
C ASP A 352 1.62 -25.41 18.84
N PHE A 353 1.18 -25.92 17.69
CA PHE A 353 1.47 -25.27 16.43
C PHE A 353 0.77 -23.92 16.35
N GLY A 354 -0.47 -23.87 16.86
CA GLY A 354 -1.21 -22.63 16.86
C GLY A 354 -0.48 -21.56 17.66
N LEU A 355 0.10 -21.96 18.78
CA LEU A 355 0.84 -21.01 19.60
C LEU A 355 2.06 -20.51 18.84
N GLU A 356 2.65 -21.37 18.02
CA GLU A 356 3.82 -20.95 17.23
C GLU A 356 3.40 -19.92 16.19
N LEU A 357 2.21 -20.10 15.61
CA LEU A 357 1.71 -19.17 14.61
C LEU A 357 1.42 -17.84 15.31
N VAL A 358 0.85 -17.91 16.50
CA VAL A 358 0.56 -16.72 17.26
C VAL A 358 1.86 -15.96 17.56
N ASP A 359 2.89 -16.69 17.97
CA ASP A 359 4.18 -16.03 18.27
C ASP A 359 4.72 -15.31 17.04
N GLY A 360 4.63 -15.97 15.88
CA GLY A 360 5.11 -15.36 14.66
C GLY A 360 4.41 -14.05 14.34
N CYS A 361 3.08 -14.05 14.44
CA CYS A 361 2.31 -12.84 14.16
C CYS A 361 2.63 -11.78 15.19
N GLU A 362 2.80 -12.19 16.44
CA GLU A 362 3.15 -11.24 17.50
C GLU A 362 4.50 -10.62 17.12
N ALA A 363 5.39 -11.42 16.52
CA ALA A 363 6.70 -10.90 16.13
C ALA A 363 6.56 -9.78 15.10
N THR A 364 5.64 -9.91 14.16
CA THR A 364 5.47 -8.86 13.16
C THR A 364 4.95 -7.57 13.79
N TYR A 365 4.20 -7.69 14.90
CA TYR A 365 3.67 -6.51 15.61
C TYR A 365 4.72 -5.80 16.47
N ASN A 366 5.41 -6.53 17.35
CA ASN A 366 6.37 -5.86 18.22
C ASN A 366 7.73 -5.51 17.63
N SER A 367 7.92 -5.74 16.34
CA SER A 367 9.18 -5.42 15.69
C SER A 367 9.14 -4.08 14.95
N THR A 368 7.95 -3.52 14.79
CA THR A 368 7.83 -2.25 14.09
C THR A 368 7.88 -1.05 15.03
N LEU A 369 8.03 0.11 14.45
CA LEU A 369 8.08 1.36 15.20
C LEU A 369 6.77 1.61 15.95
N THR A 370 5.62 1.45 15.27
CA THR A 370 4.32 1.68 15.89
C THR A 370 3.81 0.56 16.78
N LYS A 371 4.40 -0.63 16.65
CA LYS A 371 4.00 -1.81 17.42
C LYS A 371 2.72 -2.42 16.84
N ILE A 372 2.48 -2.15 15.57
CA ILE A 372 1.36 -2.69 14.82
C ILE A 372 2.02 -3.41 13.63
N GLY A 373 1.57 -4.62 13.32
CA GLY A 373 2.15 -5.36 12.22
C GLY A 373 1.76 -4.89 10.83
N PRO A 374 2.58 -5.19 9.81
CA PRO A 374 2.37 -4.82 8.41
C PRO A 374 1.28 -5.67 7.75
N ASP A 375 0.73 -5.16 6.65
CA ASP A 375 -0.32 -5.87 5.94
C ASP A 375 0.21 -7.12 5.23
N SER A 376 1.48 -7.10 4.83
CA SER A 376 2.09 -8.26 4.19
C SER A 376 3.59 -8.20 4.37
N TRP A 377 4.22 -9.37 4.39
CA TRP A 377 5.66 -9.46 4.59
C TRP A 377 6.24 -10.71 3.94
N GLY A 378 7.57 -10.78 3.89
CA GLY A 378 8.25 -11.92 3.30
C GLY A 378 9.49 -12.30 4.09
N TRP A 379 10.07 -13.45 3.76
CA TRP A 379 11.28 -13.90 4.43
C TRP A 379 12.18 -14.71 3.49
N ASP A 380 11.95 -14.54 2.18
CA ASP A 380 12.75 -15.24 1.19
C ASP A 380 14.13 -14.59 1.15
N PRO A 381 15.18 -15.34 1.54
CA PRO A 381 16.56 -14.85 1.57
C PRO A 381 17.04 -14.17 0.28
N LYS A 382 16.54 -14.67 -0.85
CA LYS A 382 16.91 -14.15 -2.16
C LYS A 382 16.22 -12.85 -2.58
N LYS A 383 15.19 -12.45 -1.85
CA LYS A 383 14.45 -11.24 -2.21
C LYS A 383 14.44 -10.15 -1.15
N VAL A 384 15.34 -10.22 -0.18
CA VAL A 384 15.39 -9.20 0.87
C VAL A 384 15.80 -7.87 0.26
N PRO A 385 14.91 -6.85 0.35
CA PRO A 385 15.22 -5.51 -0.20
C PRO A 385 16.48 -4.94 0.44
N SER A 386 17.29 -4.27 -0.37
CA SER A 386 18.54 -3.68 0.11
C SER A 386 18.38 -2.77 1.32
N ASP A 387 17.33 -1.96 1.32
CA ASP A 387 17.10 -1.03 2.42
C ASP A 387 16.49 -1.67 3.66
N GLN A 388 16.20 -2.97 3.60
CA GLN A 388 15.62 -3.67 4.74
C GLN A 388 16.52 -4.82 5.20
N LYS A 389 17.69 -4.93 4.57
CA LYS A 389 18.63 -5.99 4.90
C LYS A 389 18.86 -6.18 6.40
N GLU A 390 19.16 -5.10 7.10
CA GLU A 390 19.41 -5.19 8.53
C GLU A 390 18.16 -5.44 9.37
N PHE A 391 17.01 -4.97 8.89
CA PHE A 391 15.75 -5.18 9.59
C PHE A 391 15.48 -6.68 9.53
N TYR A 392 15.64 -7.23 8.33
CA TYR A 392 15.43 -8.65 8.08
C TYR A 392 16.28 -9.54 8.98
N GLU A 393 17.58 -9.24 9.03
CA GLU A 393 18.51 -10.01 9.85
C GLU A 393 18.11 -10.09 11.31
N LYS A 394 17.52 -9.02 11.85
CA LYS A 394 17.13 -9.03 13.26
C LYS A 394 15.67 -9.42 13.52
N ALA A 395 14.76 -8.95 12.67
CA ALA A 395 13.33 -9.23 12.85
C ALA A 395 12.87 -10.57 12.28
N GLY A 396 13.48 -10.99 11.17
CA GLY A 396 13.11 -12.26 10.57
C GLY A 396 12.22 -12.12 9.36
N PHE A 397 12.05 -10.89 8.87
CA PHE A 397 11.21 -10.67 7.71
C PHE A 397 11.39 -9.25 7.22
N TYR A 398 10.94 -8.99 5.99
CA TYR A 398 10.98 -7.66 5.42
C TYR A 398 9.54 -7.30 5.08
N ILE A 399 9.22 -6.01 5.16
CA ILE A 399 7.88 -5.53 4.89
C ILE A 399 7.59 -5.30 3.41
N SER A 400 6.52 -5.90 2.90
CA SER A 400 6.13 -5.75 1.50
C SER A 400 5.13 -4.61 1.40
N SER A 401 4.23 -4.52 2.37
CA SER A 401 3.24 -3.45 2.45
C SER A 401 3.14 -3.12 3.92
N GLY A 402 3.49 -1.89 4.28
CA GLY A 402 3.47 -1.52 5.68
C GLY A 402 2.20 -0.86 6.16
N SER A 403 1.11 -0.99 5.42
CA SER A 403 -0.13 -0.37 5.85
C SER A 403 -0.88 -1.23 6.84
N TYR A 404 -1.75 -0.59 7.61
CA TYR A 404 -2.56 -1.28 8.57
C TYR A 404 -3.95 -0.73 8.37
N VAL A 405 -4.86 -1.56 7.90
CA VAL A 405 -6.21 -1.12 7.63
C VAL A 405 -7.24 -1.55 8.66
N LEU A 406 -6.83 -1.47 9.93
CA LEU A 406 -7.68 -1.79 11.06
C LEU A 406 -8.12 -3.25 11.07
N ARG A 407 -7.24 -4.15 10.64
CA ARG A 407 -7.57 -5.57 10.62
C ARG A 407 -7.47 -6.14 12.03
N PRO A 408 -8.27 -7.17 12.33
CA PRO A 408 -8.30 -7.80 13.65
C PRO A 408 -7.66 -9.17 13.82
N GLU A 409 -7.21 -9.79 12.73
CA GLU A 409 -6.69 -11.16 12.81
C GLU A 409 -5.66 -11.47 13.88
N VAL A 410 -4.71 -10.58 14.10
CA VAL A 410 -3.69 -10.85 15.09
C VAL A 410 -4.26 -10.80 16.51
N ILE A 411 -5.12 -9.82 16.76
CA ILE A 411 -5.74 -9.69 18.08
C ILE A 411 -6.70 -10.88 18.25
N GLU A 412 -7.32 -11.30 17.16
CA GLU A 412 -8.27 -12.42 17.20
C GLU A 412 -7.56 -13.67 17.71
N SER A 413 -6.41 -13.99 17.13
CA SER A 413 -5.65 -15.17 17.52
C SER A 413 -5.08 -15.06 18.92
N PHE A 414 -4.72 -13.83 19.32
CA PHE A 414 -4.21 -13.59 20.67
C PHE A 414 -5.33 -13.92 21.64
N TYR A 415 -6.54 -13.51 21.28
CA TYR A 415 -7.72 -13.76 22.08
C TYR A 415 -7.92 -15.26 22.32
N TYR A 416 -7.87 -16.06 21.26
CA TYR A 416 -8.04 -17.50 21.43
C TYR A 416 -6.88 -18.09 22.26
N ALA A 417 -5.66 -17.61 22.02
CA ALA A 417 -4.52 -18.12 22.76
C ALA A 417 -4.76 -17.97 24.26
N HIS A 418 -5.30 -16.82 24.66
CA HIS A 418 -5.57 -16.58 26.08
C HIS A 418 -6.71 -17.44 26.62
N ARG A 419 -7.75 -17.63 25.82
CA ARG A 419 -8.88 -18.44 26.25
C ARG A 419 -8.51 -19.92 26.37
N VAL A 420 -7.65 -20.39 25.47
CA VAL A 420 -7.23 -21.78 25.47
C VAL A 420 -6.15 -22.15 26.47
N THR A 421 -5.16 -21.27 26.63
CA THR A 421 -4.06 -21.55 27.55
C THR A 421 -4.26 -20.95 28.93
N GLY A 422 -5.05 -19.88 29.01
CA GLY A 422 -5.28 -19.24 30.27
C GLY A 422 -4.08 -18.40 30.69
N LYS A 423 -3.10 -18.26 29.79
CA LYS A 423 -1.91 -17.49 30.10
C LYS A 423 -2.12 -16.00 29.90
N GLU A 424 -1.64 -15.24 30.88
CA GLU A 424 -1.77 -13.80 30.89
C GLU A 424 -0.99 -13.07 29.79
N ILE A 425 0.13 -13.64 29.36
CA ILE A 425 0.96 -13.01 28.33
C ILE A 425 0.17 -12.67 27.07
N TYR A 426 -0.70 -13.58 26.63
CA TYR A 426 -1.50 -13.35 25.43
C TYR A 426 -2.50 -12.24 25.63
N ARG A 427 -2.98 -12.07 26.86
CA ARG A 427 -3.92 -11.00 27.14
C ARG A 427 -3.17 -9.65 27.05
N ASP A 428 -1.92 -9.64 27.52
CA ASP A 428 -1.12 -8.42 27.48
C ASP A 428 -0.81 -8.01 26.04
N TRP A 429 -0.59 -9.01 25.18
CA TRP A 429 -0.31 -8.74 23.78
C TRP A 429 -1.52 -8.10 23.11
N VAL A 430 -2.71 -8.50 23.54
CA VAL A 430 -3.93 -7.89 22.99
C VAL A 430 -3.94 -6.42 23.42
N TRP A 431 -3.67 -6.19 24.70
CA TRP A 431 -3.66 -4.85 25.25
C TRP A 431 -2.61 -3.99 24.56
N ASN A 432 -1.39 -4.50 24.46
CA ASN A 432 -0.31 -3.77 23.80
C ASN A 432 -0.71 -3.35 22.40
N ALA A 433 -1.39 -4.26 21.68
CA ALA A 433 -1.84 -3.97 20.33
C ALA A 433 -2.94 -2.91 20.32
N PHE A 434 -3.89 -3.05 21.24
CA PHE A 434 -5.00 -2.09 21.32
C PHE A 434 -4.49 -0.67 21.61
N VAL A 435 -3.56 -0.54 22.55
CA VAL A 435 -3.01 0.78 22.88
C VAL A 435 -2.29 1.36 21.67
N ALA A 436 -1.53 0.52 20.96
CA ALA A 436 -0.83 1.00 19.79
C ALA A 436 -1.82 1.47 18.72
N ILE A 437 -2.92 0.76 18.55
CA ILE A 437 -3.92 1.17 17.56
C ILE A 437 -4.60 2.47 18.00
N ASN A 438 -4.97 2.54 19.28
CA ASN A 438 -5.63 3.72 19.81
C ASN A 438 -4.73 4.94 19.74
N SER A 439 -3.44 4.72 19.93
CA SER A 439 -2.48 5.81 19.89
C SER A 439 -2.09 6.28 18.49
N THR A 440 -2.00 5.37 17.53
CA THR A 440 -1.60 5.82 16.21
C THR A 440 -2.70 5.95 15.17
N CYS A 441 -3.85 5.30 15.38
CA CYS A 441 -4.96 5.35 14.41
C CYS A 441 -6.12 6.30 14.76
N ARG A 442 -6.22 6.69 16.02
CA ARG A 442 -7.30 7.56 16.48
C ARG A 442 -7.36 8.97 15.87
N THR A 443 -8.56 9.39 15.48
CA THR A 443 -8.78 10.73 14.96
C THR A 443 -9.91 11.31 15.81
N ASP A 444 -10.29 12.56 15.53
CA ASP A 444 -11.35 13.22 16.29
C ASP A 444 -12.68 12.50 16.24
N SER A 445 -12.97 11.87 15.11
CA SER A 445 -14.25 11.19 14.92
C SER A 445 -14.22 9.67 15.06
N GLY A 446 -13.06 9.06 14.83
CA GLY A 446 -13.00 7.62 14.94
C GLY A 446 -11.58 7.10 14.87
N PHE A 447 -11.38 6.12 14.00
CA PHE A 447 -10.07 5.49 13.79
C PHE A 447 -9.84 5.41 12.29
N ALA A 448 -8.59 5.60 11.87
CA ALA A 448 -8.26 5.56 10.46
C ALA A 448 -7.18 4.55 10.13
N ALA A 449 -7.22 4.04 8.91
CA ALA A 449 -6.22 3.12 8.42
C ALA A 449 -4.95 3.95 8.30
N VAL A 450 -3.81 3.27 8.37
CA VAL A 450 -2.50 3.93 8.32
C VAL A 450 -1.60 3.37 7.21
N SER A 451 -0.79 4.25 6.63
CA SER A 451 0.07 3.85 5.52
C SER A 451 1.36 3.12 5.83
N ASP A 452 2.02 3.44 6.95
CA ASP A 452 3.28 2.78 7.26
C ASP A 452 3.48 2.51 8.75
N VAL A 453 3.27 1.27 9.17
CA VAL A 453 3.40 0.89 10.56
C VAL A 453 4.84 0.97 11.06
N ASN A 454 5.79 1.19 10.15
CA ASN A 454 7.18 1.28 10.57
C ASN A 454 7.72 2.71 10.50
N LYS A 455 6.80 3.68 10.60
CA LYS A 455 7.16 5.10 10.59
C LYS A 455 6.40 5.81 11.71
N ALA A 456 6.96 6.92 12.18
CA ALA A 456 6.34 7.68 13.26
C ALA A 456 4.88 7.98 12.98
N ASN A 457 4.04 7.71 13.97
CA ASN A 457 2.61 7.95 13.89
C ASN A 457 1.95 7.22 12.73
N GLY A 458 2.58 6.16 12.24
CA GLY A 458 2.02 5.37 11.17
C GLY A 458 2.10 5.97 9.77
N GLY A 459 2.99 6.95 9.57
CA GLY A 459 3.11 7.56 8.26
C GLY A 459 1.97 8.52 8.00
N SER A 460 1.10 8.18 7.04
CA SER A 460 -0.05 9.01 6.71
C SER A 460 -1.34 8.25 6.94
N LYS A 461 -2.41 8.97 7.32
CA LYS A 461 -3.69 8.32 7.56
C LYS A 461 -4.54 8.26 6.31
N TYR A 462 -5.24 7.14 6.14
CA TYR A 462 -6.16 6.92 5.03
C TYR A 462 -7.49 7.44 5.52
N ASP A 463 -8.30 7.97 4.61
CA ASP A 463 -9.62 8.44 4.99
C ASP A 463 -10.53 7.22 4.89
N ASN A 464 -10.27 6.21 5.73
CA ASN A 464 -11.05 4.98 5.70
C ASN A 464 -11.17 4.26 7.05
N GLN A 465 -12.40 3.88 7.37
CA GLN A 465 -12.69 3.12 8.59
C GLN A 465 -13.69 2.01 8.25
N GLU A 466 -13.17 0.80 8.00
CA GLU A 466 -14.01 -0.35 7.66
C GLU A 466 -14.88 -0.73 8.83
N SER A 467 -16.04 -1.31 8.52
CA SER A 467 -16.99 -1.74 9.55
C SER A 467 -16.43 -2.79 10.50
N PHE A 468 -15.43 -3.56 10.08
CA PHE A 468 -14.89 -4.56 11.00
C PHE A 468 -14.15 -3.97 12.21
N LEU A 469 -13.98 -2.65 12.20
CA LEU A 469 -13.37 -1.96 13.33
C LEU A 469 -14.35 -2.16 14.49
N PHE A 470 -15.64 -1.91 14.21
CA PHE A 470 -16.70 -2.06 15.21
C PHE A 470 -16.94 -3.51 15.56
N ALA A 471 -17.10 -4.33 14.52
CA ALA A 471 -17.39 -5.74 14.71
C ALA A 471 -16.28 -6.58 15.33
N GLU A 472 -15.05 -6.41 14.87
CA GLU A 472 -13.95 -7.26 15.35
C GLU A 472 -12.86 -6.69 16.25
N VAL A 473 -12.20 -5.64 15.80
CA VAL A 473 -11.13 -5.05 16.59
C VAL A 473 -11.60 -4.72 18.01
N MET A 474 -12.74 -4.05 18.11
CA MET A 474 -13.30 -3.66 19.40
C MET A 474 -13.86 -4.83 20.21
N LYS A 475 -14.47 -5.80 19.53
CA LYS A 475 -15.00 -6.94 20.27
C LYS A 475 -13.92 -7.83 20.89
N TYR A 476 -12.98 -8.30 20.07
CA TYR A 476 -11.92 -9.17 20.58
C TYR A 476 -11.08 -8.46 21.63
N SER A 477 -10.84 -7.17 21.43
CA SER A 477 -10.07 -6.42 22.42
C SER A 477 -10.79 -6.36 23.76
N TYR A 478 -12.11 -6.22 23.69
CA TYR A 478 -12.94 -6.15 24.89
C TYR A 478 -13.07 -7.52 25.56
N LEU A 479 -13.41 -8.54 24.78
CA LEU A 479 -13.56 -9.89 25.32
C LEU A 479 -12.31 -10.37 26.06
N ALA A 480 -11.14 -9.99 25.57
CA ALA A 480 -9.89 -10.42 26.21
C ALA A 480 -9.77 -9.93 27.66
N HIS A 481 -10.45 -8.83 28.00
CA HIS A 481 -10.39 -8.28 29.34
C HIS A 481 -11.71 -8.28 30.10
N SER A 482 -12.79 -8.70 29.44
CA SER A 482 -14.09 -8.72 30.09
C SER A 482 -14.37 -10.03 30.83
N GLU A 483 -15.41 -10.03 31.64
CA GLU A 483 -15.78 -11.22 32.41
C GLU A 483 -16.23 -12.38 31.53
N ASP A 484 -16.20 -13.57 32.12
CA ASP A 484 -16.58 -14.78 31.42
C ASP A 484 -18.08 -14.72 31.11
N ALA A 485 -18.49 -15.34 30.02
CA ALA A 485 -19.91 -15.36 29.63
C ALA A 485 -20.09 -16.39 28.56
N ALA A 486 -21.34 -16.70 28.24
CA ALA A 486 -21.65 -17.69 27.23
C ALA A 486 -21.00 -17.36 25.89
N TRP A 487 -20.96 -16.08 25.55
CA TRP A 487 -20.40 -15.65 24.28
C TRP A 487 -18.88 -15.74 24.17
N GLN A 488 -18.20 -15.99 25.30
CA GLN A 488 -16.74 -16.11 25.30
C GLN A 488 -16.34 -17.47 24.70
N VAL A 489 -15.18 -17.52 24.04
CA VAL A 489 -14.69 -18.77 23.47
C VAL A 489 -14.35 -19.68 24.64
N GLN A 490 -14.69 -20.96 24.54
CA GLN A 490 -14.44 -21.90 25.62
C GLN A 490 -13.54 -23.05 25.17
N LYS A 491 -12.99 -23.77 26.13
CA LYS A 491 -12.14 -24.91 25.82
C LYS A 491 -12.97 -26.17 25.68
N GLY A 492 -12.34 -27.24 25.18
CA GLY A 492 -13.04 -28.50 25.01
C GLY A 492 -14.34 -28.37 24.24
N GLY A 493 -15.37 -29.07 24.70
CA GLY A 493 -16.65 -29.03 24.02
C GLY A 493 -17.68 -28.15 24.71
N LYS A 494 -17.23 -27.13 25.44
CA LYS A 494 -18.14 -26.24 26.17
C LYS A 494 -18.67 -25.03 25.42
N ASN A 495 -18.26 -24.80 24.18
CA ASN A 495 -18.72 -23.64 23.43
C ASN A 495 -20.21 -23.67 23.11
N THR A 496 -20.93 -22.62 23.49
CA THR A 496 -22.36 -22.54 23.16
C THR A 496 -22.54 -21.51 22.05
N PHE A 497 -21.46 -20.82 21.71
CA PHE A 497 -21.47 -19.83 20.62
C PHE A 497 -20.23 -20.07 19.76
N VAL A 498 -20.35 -19.78 18.48
CA VAL A 498 -19.21 -19.92 17.59
C VAL A 498 -19.17 -18.63 16.78
N TYR A 499 -17.96 -18.09 16.59
CA TYR A 499 -17.81 -16.85 15.86
C TYR A 499 -17.70 -16.98 14.35
N ASN A 500 -18.48 -16.16 13.63
CA ASN A 500 -18.42 -16.16 12.17
C ASN A 500 -17.12 -15.41 11.86
N THR A 501 -16.76 -15.33 10.58
CA THR A 501 -15.49 -14.70 10.23
C THR A 501 -15.46 -13.17 10.45
N GLU A 502 -16.60 -12.57 10.78
CA GLU A 502 -16.61 -11.12 11.04
C GLU A 502 -16.80 -10.89 12.55
N ALA A 503 -16.40 -11.88 13.33
CA ALA A 503 -16.51 -11.82 14.79
C ALA A 503 -17.94 -11.70 15.33
N HIS A 504 -18.92 -12.24 14.59
CA HIS A 504 -20.31 -12.20 15.06
C HIS A 504 -20.63 -13.55 15.69
N PRO A 505 -20.86 -13.56 17.01
CA PRO A 505 -21.18 -14.79 17.75
C PRO A 505 -22.54 -15.39 17.37
N ILE A 506 -22.52 -16.63 16.91
CA ILE A 506 -23.74 -17.34 16.51
C ILE A 506 -23.96 -18.49 17.49
N SER A 507 -25.19 -18.66 17.94
CA SER A 507 -25.51 -19.74 18.87
C SER A 507 -25.37 -21.11 18.20
N VAL A 508 -24.82 -22.09 18.91
CA VAL A 508 -24.65 -23.43 18.34
C VAL A 508 -26.00 -24.12 18.17
N ALA A 509 -26.05 -25.15 17.33
CA ALA A 509 -27.27 -25.89 17.06
C ALA A 509 -27.84 -26.64 18.25
N ARG A 510 -29.14 -26.92 18.15
CA ARG A 510 -29.91 -27.63 19.18
C ARG A 510 -30.38 -26.70 20.29
N SER B 36 -5.27 25.06 -28.67
CA SER B 36 -5.60 23.80 -27.94
C SER B 36 -4.70 23.64 -26.73
N ASN B 37 -3.40 23.53 -26.99
CA ASN B 37 -2.42 23.37 -25.92
C ASN B 37 -2.46 24.59 -25.01
N GLN B 38 -2.89 25.72 -25.56
CA GLN B 38 -2.98 26.95 -24.80
C GLN B 38 -3.98 26.78 -23.66
N ALA B 39 -5.15 26.26 -23.99
CA ALA B 39 -6.19 26.03 -23.00
C ALA B 39 -5.77 24.93 -22.04
N LYS B 40 -5.01 23.97 -22.55
CA LYS B 40 -4.53 22.87 -21.73
C LYS B 40 -3.45 23.35 -20.76
N ALA B 41 -2.63 24.29 -21.22
CA ALA B 41 -1.56 24.84 -20.39
C ALA B 41 -2.18 25.62 -19.25
N ASP B 42 -3.18 26.43 -19.55
CA ASP B 42 -3.84 27.21 -18.53
C ASP B 42 -4.55 26.29 -17.54
N ALA B 43 -5.06 25.18 -18.05
CA ALA B 43 -5.75 24.20 -17.23
C ALA B 43 -4.81 23.66 -16.15
N VAL B 44 -3.55 23.45 -16.51
CA VAL B 44 -2.56 22.93 -15.57
C VAL B 44 -2.19 24.02 -14.54
N LYS B 45 -2.12 25.26 -15.00
CA LYS B 45 -1.79 26.37 -14.11
C LYS B 45 -2.88 26.55 -13.07
N GLU B 46 -4.11 26.20 -13.42
CA GLU B 46 -5.22 26.31 -12.48
C GLU B 46 -5.08 25.23 -11.41
N ALA B 47 -4.69 24.02 -11.83
CA ALA B 47 -4.51 22.93 -10.89
C ALA B 47 -3.39 23.29 -9.91
N PHE B 48 -2.35 23.95 -10.42
CA PHE B 48 -1.21 24.36 -9.61
C PHE B 48 -1.64 25.45 -8.62
N GLN B 49 -2.42 26.39 -9.11
CA GLN B 49 -2.90 27.50 -8.29
C GLN B 49 -3.79 26.95 -7.19
N HIS B 50 -4.61 25.97 -7.53
CA HIS B 50 -5.52 25.33 -6.58
C HIS B 50 -4.74 24.77 -5.38
N ALA B 51 -3.72 23.98 -5.68
CA ALA B 51 -2.90 23.38 -4.63
C ALA B 51 -2.13 24.44 -3.86
N TRP B 52 -1.60 25.44 -4.56
CA TRP B 52 -0.86 26.47 -3.86
C TRP B 52 -1.74 27.25 -2.89
N ASN B 53 -2.97 27.56 -3.31
CA ASN B 53 -3.89 28.30 -2.44
C ASN B 53 -4.21 27.52 -1.18
N GLY B 54 -4.48 26.23 -1.34
CA GLY B 54 -4.79 25.40 -0.19
C GLY B 54 -3.58 25.30 0.72
N TYR B 55 -2.40 25.13 0.13
CA TYR B 55 -1.17 25.02 0.89
C TYR B 55 -0.91 26.31 1.69
N MET B 56 -1.06 27.45 1.01
CA MET B 56 -0.84 28.73 1.64
C MET B 56 -1.82 28.95 2.80
N LYS B 57 -3.08 28.58 2.57
CA LYS B 57 -4.13 28.76 3.56
C LYS B 57 -4.09 27.87 4.80
N TYR B 58 -3.58 26.64 4.66
CA TYR B 58 -3.55 25.73 5.80
C TYR B 58 -2.19 25.22 6.27
N ALA B 59 -1.17 25.27 5.43
CA ALA B 59 0.12 24.73 5.82
C ALA B 59 1.30 25.70 5.88
N PHE B 60 1.40 26.58 4.89
CA PHE B 60 2.50 27.55 4.83
C PHE B 60 2.80 28.16 6.20
N PRO B 61 4.08 28.20 6.60
CA PRO B 61 5.27 27.73 5.88
C PRO B 61 5.76 26.32 6.23
N HIS B 62 4.86 25.45 6.67
CA HIS B 62 5.25 24.09 7.01
C HIS B 62 5.64 23.33 5.74
N ASP B 63 6.31 22.19 5.89
CA ASP B 63 6.75 21.41 4.74
C ASP B 63 5.65 21.04 3.75
N GLU B 64 4.48 20.65 4.27
CA GLU B 64 3.40 20.29 3.39
C GLU B 64 1.99 20.39 3.94
N LEU B 65 1.05 20.37 2.99
CA LEU B 65 -0.36 20.43 3.31
C LEU B 65 -0.86 19.00 3.42
N THR B 66 -1.75 18.75 4.36
CA THR B 66 -2.37 17.44 4.49
C THR B 66 -3.71 17.76 3.82
N PRO B 67 -3.85 17.39 2.54
CA PRO B 67 -5.01 17.61 1.67
C PRO B 67 -6.38 17.09 2.08
N VAL B 68 -6.45 16.14 3.00
CA VAL B 68 -7.75 15.64 3.41
C VAL B 68 -8.26 16.32 4.67
N SER B 69 -7.37 16.52 5.64
CA SER B 69 -7.74 17.17 6.89
C SER B 69 -7.52 18.69 6.84
N ASN B 70 -6.93 19.16 5.74
CA ASN B 70 -6.64 20.59 5.58
C ASN B 70 -5.76 21.07 6.73
N GLY B 71 -4.68 20.34 6.98
CA GLY B 71 -3.76 20.69 8.04
C GLY B 71 -2.37 20.83 7.46
N HIS B 72 -1.37 20.63 8.29
CA HIS B 72 0.01 20.75 7.83
C HIS B 72 0.87 19.63 8.41
N ALA B 73 1.99 19.35 7.75
CA ALA B 73 2.90 18.32 8.21
C ALA B 73 4.32 18.77 7.86
N ASP B 74 5.31 18.19 8.52
CA ASP B 74 6.70 18.56 8.27
C ASP B 74 7.59 17.34 8.12
N SER B 75 7.47 16.65 7.00
CA SER B 75 8.28 15.46 6.77
C SER B 75 9.65 15.78 6.18
N ARG B 76 9.91 17.06 5.95
CA ARG B 76 11.19 17.47 5.38
C ARG B 76 11.95 18.53 6.19
N ASN B 77 12.12 18.23 7.48
CA ASN B 77 12.84 19.09 8.41
C ASN B 77 12.23 20.45 8.77
N GLY B 78 11.04 20.72 8.28
CA GLY B 78 10.38 21.96 8.62
C GLY B 78 10.69 23.27 7.93
N TRP B 79 11.58 23.29 6.94
CA TRP B 79 11.83 24.59 6.31
C TRP B 79 11.00 24.89 5.06
N GLY B 80 9.81 24.29 4.96
CA GLY B 80 8.93 24.53 3.83
C GLY B 80 9.28 23.85 2.52
N ALA B 81 9.27 22.53 2.52
CA ALA B 81 9.61 21.76 1.32
C ALA B 81 8.70 22.08 0.13
N SER B 82 7.40 22.21 0.37
CA SER B 82 6.47 22.50 -0.71
C SER B 82 6.71 23.88 -1.33
N ALA B 83 7.05 24.85 -0.49
CA ALA B 83 7.30 26.21 -0.99
C ALA B 83 8.52 26.20 -1.90
N VAL B 84 9.62 25.65 -1.42
CA VAL B 84 10.86 25.60 -2.21
C VAL B 84 10.75 24.73 -3.46
N ASP B 85 10.10 23.57 -3.34
CA ASP B 85 9.93 22.66 -4.47
C ASP B 85 9.04 23.25 -5.56
N ALA B 86 8.20 24.19 -5.17
CA ALA B 86 7.27 24.84 -6.10
C ALA B 86 7.88 26.02 -6.88
N LEU B 87 8.87 26.68 -6.29
CA LEU B 87 9.52 27.84 -6.91
C LEU B 87 9.82 27.62 -8.39
N SER B 88 10.54 26.54 -8.68
CA SER B 88 10.93 26.18 -10.03
C SER B 88 9.74 26.14 -10.99
N THR B 89 8.60 25.67 -10.50
CA THR B 89 7.42 25.58 -11.33
C THR B 89 6.66 26.90 -11.43
N ALA B 90 6.62 27.65 -10.34
CA ALA B 90 5.95 28.93 -10.31
C ALA B 90 6.63 29.86 -11.32
N VAL B 91 7.96 29.85 -11.32
CA VAL B 91 8.73 30.67 -12.24
C VAL B 91 8.39 30.36 -13.69
N ILE B 92 8.49 29.08 -14.06
CA ILE B 92 8.19 28.65 -15.41
C ILE B 92 6.75 28.97 -15.83
N MET B 93 5.84 29.07 -14.86
CA MET B 93 4.46 29.39 -15.18
C MET B 93 4.22 30.90 -15.19
N GLY B 94 5.25 31.64 -14.81
CA GLY B 94 5.14 33.09 -14.79
C GLY B 94 4.28 33.62 -13.66
N LYS B 95 4.29 32.96 -12.51
CA LYS B 95 3.51 33.40 -11.36
C LYS B 95 4.40 34.13 -10.36
N ALA B 96 4.67 35.39 -10.65
CA ALA B 96 5.53 36.24 -9.81
C ALA B 96 5.05 36.34 -8.37
N ASP B 97 3.75 36.56 -8.19
CA ASP B 97 3.19 36.68 -6.85
C ASP B 97 3.55 35.46 -6.00
N VAL B 98 3.52 34.27 -6.62
CA VAL B 98 3.86 33.05 -5.91
C VAL B 98 5.37 32.95 -5.78
N VAL B 99 6.09 33.39 -6.80
CA VAL B 99 7.54 33.35 -6.78
C VAL B 99 8.08 34.25 -5.67
N ASN B 100 7.48 35.43 -5.51
CA ASN B 100 7.92 36.37 -4.49
C ASN B 100 7.67 35.84 -3.08
N ALA B 101 6.43 35.41 -2.82
CA ALA B 101 6.06 34.89 -1.51
C ALA B 101 7.04 33.79 -1.09
N ILE B 102 7.49 33.01 -2.05
CA ILE B 102 8.44 31.94 -1.78
C ILE B 102 9.82 32.51 -1.49
N LEU B 103 10.26 33.46 -2.33
CA LEU B 103 11.57 34.08 -2.15
C LEU B 103 11.67 34.74 -0.78
N GLU B 104 10.56 35.31 -0.31
CA GLU B 104 10.56 35.94 1.00
C GLU B 104 10.91 34.88 2.05
N HIS B 105 10.08 33.86 2.13
CA HIS B 105 10.26 32.76 3.08
C HIS B 105 11.64 32.12 3.03
N VAL B 106 12.16 31.87 1.85
CA VAL B 106 13.47 31.23 1.72
C VAL B 106 14.56 32.09 2.38
N ALA B 107 14.29 33.39 2.51
CA ALA B 107 15.25 34.28 3.13
C ALA B 107 15.24 34.11 4.63
N ASP B 108 14.06 33.81 5.18
CA ASP B 108 13.90 33.63 6.62
C ASP B 108 14.17 32.21 7.09
N ILE B 109 14.77 31.39 6.25
CA ILE B 109 15.06 30.01 6.61
C ILE B 109 16.44 29.84 7.26
N ASP B 110 16.47 29.06 8.34
CA ASP B 110 17.69 28.77 9.07
C ASP B 110 18.04 27.30 8.88
N PHE B 111 18.74 26.99 7.79
CA PHE B 111 19.12 25.62 7.47
C PHE B 111 20.04 24.96 8.50
N SER B 112 20.19 25.57 9.66
CA SER B 112 21.05 25.00 10.71
C SER B 112 20.21 24.53 11.88
N LYS B 113 18.93 24.90 11.87
CA LYS B 113 18.03 24.54 12.95
C LYS B 113 16.89 23.62 12.51
N THR B 114 16.91 22.37 12.99
CA THR B 114 15.86 21.41 12.67
C THR B 114 15.71 20.39 13.80
N SER B 115 14.48 20.02 14.12
CA SER B 115 14.19 19.07 15.18
C SER B 115 14.36 17.62 14.77
N ASP B 116 14.48 17.38 13.46
CA ASP B 116 14.62 16.02 12.96
C ASP B 116 15.94 15.75 12.27
N THR B 117 16.25 14.47 12.10
CA THR B 117 17.45 14.07 11.41
C THR B 117 17.26 14.47 9.95
N VAL B 118 18.35 14.67 9.22
CA VAL B 118 18.22 15.07 7.82
C VAL B 118 18.81 14.08 6.83
N SER B 119 18.10 13.91 5.71
CA SER B 119 18.53 13.03 4.64
C SER B 119 19.31 13.87 3.62
N LEU B 120 20.58 13.52 3.42
CA LEU B 120 21.42 14.24 2.48
C LEU B 120 20.80 14.22 1.09
N PHE B 121 20.27 13.07 0.71
CA PHE B 121 19.62 12.88 -0.59
C PHE B 121 18.41 13.80 -0.77
N GLU B 122 17.39 13.58 0.05
CA GLU B 122 16.16 14.37 -0.03
C GLU B 122 16.42 15.87 0.05
N THR B 123 17.32 16.28 0.94
CA THR B 123 17.64 17.69 1.11
C THR B 123 18.36 18.24 -0.11
N THR B 124 19.12 17.39 -0.78
CA THR B 124 19.86 17.79 -1.97
C THR B 124 18.95 17.96 -3.18
N ILE B 125 18.19 16.91 -3.51
CA ILE B 125 17.32 16.94 -4.69
C ILE B 125 16.14 17.92 -4.60
N ARG B 126 15.70 18.22 -3.39
CA ARG B 126 14.57 19.13 -3.24
C ARG B 126 15.01 20.57 -2.92
N TYR B 127 15.63 20.77 -1.77
CA TYR B 127 16.07 22.10 -1.35
C TYR B 127 17.24 22.71 -2.12
N LEU B 128 18.38 22.02 -2.15
CA LEU B 128 19.55 22.52 -2.85
C LEU B 128 19.19 22.79 -4.31
N ALA B 129 18.81 21.73 -5.02
CA ALA B 129 18.44 21.85 -6.42
C ALA B 129 17.34 22.89 -6.60
N GLY B 130 16.37 22.90 -5.69
CA GLY B 130 15.26 23.85 -5.78
C GLY B 130 15.67 25.31 -5.84
N MET B 131 16.52 25.72 -4.90
CA MET B 131 16.99 27.10 -4.86
C MET B 131 17.90 27.40 -6.05
N LEU B 132 18.85 26.49 -6.30
CA LEU B 132 19.78 26.64 -7.42
C LEU B 132 19.01 26.81 -8.71
N SER B 133 18.01 25.94 -8.92
CA SER B 133 17.20 26.00 -10.13
C SER B 133 16.51 27.36 -10.19
N GLY B 134 15.85 27.74 -9.11
CA GLY B 134 15.18 29.03 -9.09
C GLY B 134 16.14 30.14 -9.49
N TYR B 135 17.38 30.03 -8.99
CA TYR B 135 18.41 31.02 -9.27
C TYR B 135 18.74 31.06 -10.76
N ASP B 136 19.18 29.94 -11.31
CA ASP B 136 19.52 29.87 -12.74
C ASP B 136 18.38 30.38 -13.60
N LEU B 137 17.15 30.12 -13.18
CA LEU B 137 15.97 30.54 -13.93
C LEU B 137 15.76 32.05 -13.93
N LEU B 138 15.69 32.64 -12.74
CA LEU B 138 15.47 34.08 -12.60
C LEU B 138 16.68 34.92 -13.02
N GLN B 139 17.83 34.27 -13.14
CA GLN B 139 19.05 34.95 -13.52
C GLN B 139 19.26 34.89 -15.03
N GLY B 140 18.46 34.06 -15.68
CA GLY B 140 18.60 33.91 -17.13
C GLY B 140 17.31 34.03 -17.92
N PRO B 141 16.73 32.89 -18.36
CA PRO B 141 15.50 32.87 -19.15
C PRO B 141 14.33 33.67 -18.56
N ALA B 142 14.15 33.59 -17.24
CA ALA B 142 13.06 34.30 -16.59
C ALA B 142 13.55 35.59 -15.93
N LYS B 143 14.67 36.10 -16.44
CA LYS B 143 15.28 37.32 -15.92
C LYS B 143 14.28 38.43 -15.65
N ASN B 144 13.32 38.63 -16.56
CA ASN B 144 12.32 39.68 -16.41
C ASN B 144 11.04 39.17 -15.77
N LEU B 145 11.06 38.93 -14.46
CA LEU B 145 9.87 38.44 -13.76
C LEU B 145 9.81 38.95 -12.32
N VAL B 146 10.96 38.97 -11.65
CA VAL B 146 11.03 39.45 -10.27
C VAL B 146 11.84 40.74 -10.20
N ASP B 147 11.38 41.68 -9.39
CA ASP B 147 12.06 42.96 -9.25
C ASP B 147 13.25 42.86 -8.30
N ASN B 148 12.95 42.62 -7.02
CA ASN B 148 13.97 42.51 -5.99
C ASN B 148 15.10 41.57 -6.40
N GLN B 149 16.32 42.08 -6.42
CA GLN B 149 17.49 41.29 -6.80
C GLN B 149 18.08 40.58 -5.58
N ASP B 150 17.97 41.22 -4.42
CA ASP B 150 18.50 40.64 -3.19
C ASP B 150 17.93 39.25 -2.94
N LEU B 151 16.65 39.07 -3.26
CA LEU B 151 15.99 37.78 -3.08
C LEU B 151 16.61 36.74 -3.99
N ILE B 152 16.75 37.09 -5.27
CA ILE B 152 17.34 36.18 -6.25
C ILE B 152 18.73 35.74 -5.81
N ASP B 153 19.49 36.68 -5.26
CA ASP B 153 20.84 36.39 -4.79
C ASP B 153 20.81 35.61 -3.49
N GLY B 154 19.75 35.82 -2.71
CA GLY B 154 19.62 35.11 -1.45
C GLY B 154 19.53 33.61 -1.70
N LEU B 155 19.06 33.24 -2.89
CA LEU B 155 18.92 31.83 -3.25
C LEU B 155 20.29 31.15 -3.29
N LEU B 156 21.28 31.85 -3.86
CA LEU B 156 22.62 31.32 -3.95
C LEU B 156 23.30 31.32 -2.57
N ASP B 157 22.97 32.30 -1.75
CA ASP B 157 23.55 32.40 -0.41
C ASP B 157 23.02 31.27 0.47
N GLN B 158 21.70 31.08 0.44
CA GLN B 158 21.06 30.03 1.23
C GLN B 158 21.48 28.65 0.76
N SER B 159 21.69 28.52 -0.54
CA SER B 159 22.10 27.24 -1.11
C SER B 159 23.44 26.83 -0.52
N ARG B 160 24.33 27.81 -0.38
CA ARG B 160 25.65 27.56 0.19
C ARG B 160 25.55 27.33 1.69
N ASN B 161 24.71 28.11 2.37
CA ASN B 161 24.54 27.94 3.81
C ASN B 161 24.09 26.52 4.10
N LEU B 162 23.29 25.96 3.19
CA LEU B 162 22.76 24.62 3.32
C LEU B 162 23.85 23.58 3.11
N ALA B 163 24.56 23.68 1.99
CA ALA B 163 25.63 22.75 1.68
C ALA B 163 26.72 22.78 2.75
N ASP B 164 26.83 23.92 3.42
CA ASP B 164 27.84 24.09 4.48
C ASP B 164 27.51 23.33 5.76
N VAL B 165 26.22 23.22 6.07
CA VAL B 165 25.81 22.51 7.29
C VAL B 165 25.73 21.01 7.03
N LEU B 166 25.58 20.63 5.76
CA LEU B 166 25.46 19.23 5.40
C LEU B 166 26.77 18.53 5.04
N LYS B 167 27.68 19.26 4.40
CA LYS B 167 28.95 18.68 3.94
C LYS B 167 29.73 17.77 4.88
N PHE B 168 29.68 18.03 6.19
CA PHE B 168 30.40 17.17 7.12
C PHE B 168 30.01 15.72 6.90
N ALA B 169 28.86 15.54 6.26
CA ALA B 169 28.34 14.21 5.96
C ALA B 169 29.33 13.42 5.11
N PHE B 170 30.10 14.11 4.28
CA PHE B 170 31.07 13.46 3.42
C PHE B 170 32.36 13.13 4.15
N ASP B 171 32.48 13.61 5.39
CA ASP B 171 33.68 13.38 6.19
C ASP B 171 33.75 11.93 6.65
N THR B 172 34.15 11.04 5.74
CA THR B 172 34.25 9.63 6.04
C THR B 172 35.58 9.07 5.50
N PRO B 173 35.88 7.81 5.81
CA PRO B 173 37.13 7.20 5.35
C PRO B 173 37.26 7.09 3.83
N SER B 174 36.15 6.83 3.15
CA SER B 174 36.17 6.69 1.69
C SER B 174 35.67 7.90 0.93
N GLY B 175 34.92 8.76 1.61
CA GLY B 175 34.38 9.93 0.93
C GLY B 175 32.89 9.72 0.72
N VAL B 176 32.47 8.46 0.70
CA VAL B 176 31.06 8.12 0.56
C VAL B 176 30.43 8.61 1.85
N PRO B 177 29.50 9.56 1.76
CA PRO B 177 28.80 10.14 2.93
C PRO B 177 27.74 9.31 3.62
N TYR B 178 27.28 9.83 4.75
CA TYR B 178 26.22 9.22 5.53
C TYR B 178 24.99 9.99 5.06
N ASN B 179 23.97 9.28 4.57
CA ASN B 179 22.77 9.94 4.10
C ASN B 179 21.96 10.54 5.25
N ASN B 180 21.81 9.80 6.33
CA ASN B 180 21.05 10.26 7.47
C ASN B 180 21.97 10.84 8.54
N ILE B 181 21.89 12.16 8.72
CA ILE B 181 22.75 12.83 9.68
C ILE B 181 22.03 13.77 10.64
N ASN B 182 22.75 14.18 11.67
CA ASN B 182 22.26 15.10 12.68
C ASN B 182 23.10 16.36 12.56
N ILE B 183 22.65 17.30 11.74
CA ILE B 183 23.37 18.54 11.51
C ILE B 183 23.72 19.31 12.78
N THR B 184 23.05 19.00 13.88
CA THR B 184 23.31 19.68 15.15
C THR B 184 24.49 19.08 15.90
N SER B 185 24.50 17.76 16.03
CA SER B 185 25.58 17.07 16.73
C SER B 185 26.65 16.56 15.79
N HIS B 186 26.36 16.58 14.50
CA HIS B 186 27.27 16.08 13.47
C HIS B 186 27.31 14.57 13.54
N GLY B 187 26.38 14.02 14.31
CA GLY B 187 26.30 12.57 14.45
C GLY B 187 25.66 11.94 13.23
N ASN B 188 25.68 10.62 13.14
CA ASN B 188 25.10 9.94 12.00
C ASN B 188 24.27 8.70 12.32
N ASP B 189 23.64 8.18 11.27
CA ASP B 189 22.78 7.01 11.30
C ASP B 189 23.48 5.78 11.90
N GLY B 190 24.79 5.73 11.75
CA GLY B 190 25.54 4.58 12.26
C GLY B 190 25.57 3.49 11.21
N ALA B 191 25.03 3.80 10.04
CA ALA B 191 24.98 2.84 8.94
C ALA B 191 26.38 2.49 8.43
N THR B 192 26.52 1.26 7.93
CA THR B 192 27.80 0.79 7.42
C THR B 192 27.83 0.94 5.90
N THR B 193 26.65 1.08 5.29
CA THR B 193 26.56 1.24 3.85
C THR B 193 25.63 2.39 3.47
N ASN B 194 25.71 2.81 2.21
CA ASN B 194 24.89 3.89 1.70
C ASN B 194 24.33 3.43 0.36
N GLY B 195 23.04 3.70 0.14
CA GLY B 195 22.41 3.28 -1.09
C GLY B 195 22.98 3.87 -2.36
N LEU B 196 22.80 3.14 -3.46
CA LEU B 196 23.30 3.54 -4.77
C LEU B 196 22.77 4.93 -5.13
N ALA B 197 21.45 5.03 -5.26
CA ALA B 197 20.81 6.29 -5.62
C ALA B 197 21.15 7.43 -4.67
N VAL B 198 21.02 7.21 -3.37
CA VAL B 198 21.31 8.27 -2.42
C VAL B 198 22.77 8.72 -2.49
N THR B 199 23.63 7.87 -3.03
CA THR B 199 25.04 8.21 -3.16
C THR B 199 25.31 8.86 -4.52
N GLY B 200 24.80 8.25 -5.58
CA GLY B 200 25.02 8.78 -6.91
C GLY B 200 24.07 9.84 -7.44
N THR B 201 23.35 10.51 -6.56
CA THR B 201 22.43 11.55 -7.01
C THR B 201 22.67 12.85 -6.26
N LEU B 202 23.93 13.24 -6.16
CA LEU B 202 24.33 14.47 -5.48
C LEU B 202 25.23 15.31 -6.38
N VAL B 203 26.01 14.63 -7.23
CA VAL B 203 26.95 15.28 -8.14
C VAL B 203 26.41 16.46 -8.97
N LEU B 204 25.22 16.31 -9.54
CA LEU B 204 24.66 17.37 -10.35
C LEU B 204 24.58 18.71 -9.61
N GLU B 205 23.76 18.76 -8.57
CA GLU B 205 23.60 20.00 -7.82
C GLU B 205 24.79 20.45 -6.97
N TRP B 206 25.59 19.51 -6.51
CA TRP B 206 26.75 19.89 -5.70
C TRP B 206 27.84 20.48 -6.59
N THR B 207 28.05 19.88 -7.76
CA THR B 207 29.06 20.40 -8.69
C THR B 207 28.58 21.76 -9.20
N ARG B 208 27.27 21.90 -9.36
CA ARG B 208 26.68 23.15 -9.83
C ARG B 208 26.94 24.30 -8.86
N LEU B 209 26.92 24.00 -7.57
CA LEU B 209 27.16 25.02 -6.56
C LEU B 209 28.60 25.51 -6.66
N SER B 210 29.52 24.59 -6.89
CA SER B 210 30.93 24.94 -7.01
C SER B 210 31.18 25.81 -8.25
N ASP B 211 30.35 25.60 -9.28
CA ASP B 211 30.47 26.35 -10.52
C ASP B 211 29.96 27.77 -10.38
N LEU B 212 28.99 27.97 -9.49
CA LEU B 212 28.41 29.28 -9.27
C LEU B 212 29.09 30.04 -8.12
N THR B 213 29.86 29.33 -7.31
CA THR B 213 30.55 29.95 -6.19
C THR B 213 32.04 30.09 -6.47
N GLY B 214 32.58 29.11 -7.18
CA GLY B 214 34.00 29.12 -7.50
C GLY B 214 34.72 28.19 -6.53
N ASP B 215 34.04 27.88 -5.44
CA ASP B 215 34.58 27.00 -4.40
C ASP B 215 34.48 25.54 -4.85
N GLU B 216 35.61 24.98 -5.26
CA GLU B 216 35.66 23.59 -5.73
C GLU B 216 35.38 22.54 -4.67
N GLU B 217 35.25 22.97 -3.42
CA GLU B 217 34.98 22.06 -2.30
C GLU B 217 33.74 21.18 -2.50
N TYR B 218 32.61 21.81 -2.81
CA TYR B 218 31.36 21.10 -3.03
C TYR B 218 31.43 20.06 -4.15
N ALA B 219 32.07 20.42 -5.25
CA ALA B 219 32.20 19.51 -6.39
C ALA B 219 33.06 18.30 -6.07
N LYS B 220 34.23 18.56 -5.46
CA LYS B 220 35.16 17.48 -5.11
C LYS B 220 34.55 16.48 -4.15
N LEU B 221 33.79 16.99 -3.18
CA LEU B 221 33.14 16.13 -2.19
C LEU B 221 32.23 15.12 -2.88
N SER B 222 31.24 15.62 -3.63
CA SER B 222 30.30 14.77 -4.33
C SER B 222 30.96 13.86 -5.35
N GLN B 223 31.82 14.42 -6.19
CA GLN B 223 32.49 13.64 -7.22
C GLN B 223 33.38 12.56 -6.63
N LYS B 224 33.98 12.85 -5.47
CA LYS B 224 34.83 11.87 -4.80
C LYS B 224 33.97 10.66 -4.51
N ALA B 225 32.78 10.89 -3.98
CA ALA B 225 31.85 9.82 -3.66
C ALA B 225 31.41 9.09 -4.92
N GLU B 226 31.14 9.85 -5.98
CA GLU B 226 30.71 9.30 -7.24
C GLU B 226 31.75 8.37 -7.89
N SER B 227 33.02 8.72 -7.75
CA SER B 227 34.10 7.92 -8.35
C SER B 227 34.00 6.43 -8.08
N TYR B 228 33.64 6.05 -6.86
CA TYR B 228 33.52 4.63 -6.51
C TYR B 228 32.43 3.94 -7.35
N LEU B 229 31.41 4.70 -7.69
CA LEU B 229 30.31 4.16 -8.48
C LEU B 229 30.76 3.96 -9.92
N LEU B 230 31.68 4.81 -10.37
CA LEU B 230 32.22 4.74 -11.72
C LEU B 230 33.21 3.59 -11.89
N LYS B 231 33.90 3.23 -10.82
CA LYS B 231 34.86 2.13 -10.84
C LYS B 231 34.45 1.10 -9.79
N PRO B 232 33.42 0.29 -10.08
CA PRO B 232 32.92 -0.73 -9.16
C PRO B 232 33.90 -1.81 -8.72
N GLN B 233 34.05 -1.93 -7.40
CA GLN B 233 34.93 -2.93 -6.79
C GLN B 233 34.16 -3.48 -5.58
N PRO B 234 34.15 -4.81 -5.39
CA PRO B 234 34.81 -5.82 -6.23
C PRO B 234 34.18 -5.93 -7.62
N SER B 235 34.88 -6.60 -8.52
CA SER B 235 34.43 -6.80 -9.89
C SER B 235 33.15 -7.61 -9.92
N SER B 236 32.91 -8.38 -8.88
CA SER B 236 31.72 -9.22 -8.80
C SER B 236 30.46 -8.39 -8.63
N SER B 237 30.62 -7.15 -8.19
CA SER B 237 29.48 -6.25 -7.99
C SER B 237 28.99 -5.65 -9.30
N GLU B 238 29.62 -6.06 -10.40
CA GLU B 238 29.25 -5.57 -11.72
C GLU B 238 28.85 -6.75 -12.60
N PRO B 239 27.67 -7.35 -12.33
CA PRO B 239 27.17 -8.49 -13.11
C PRO B 239 27.31 -8.29 -14.61
N PHE B 240 27.21 -7.04 -15.04
CA PHE B 240 27.35 -6.68 -16.45
C PHE B 240 27.98 -5.31 -16.54
N PRO B 241 28.55 -4.95 -17.69
CA PRO B 241 29.17 -3.63 -17.84
C PRO B 241 28.19 -2.50 -17.58
N GLY B 242 28.54 -1.60 -16.66
CA GLY B 242 27.66 -0.48 -16.36
C GLY B 242 26.65 -0.72 -15.26
N LEU B 243 26.25 -1.97 -15.07
CA LEU B 243 25.27 -2.34 -14.05
C LEU B 243 25.96 -2.75 -12.75
N VAL B 244 25.90 -1.86 -11.75
CA VAL B 244 26.54 -2.12 -10.47
C VAL B 244 25.57 -2.52 -9.36
N GLY B 245 26.12 -2.70 -8.16
CA GLY B 245 25.31 -3.11 -7.02
C GLY B 245 24.44 -1.99 -6.49
N SER B 246 23.70 -2.28 -5.42
CA SER B 246 22.77 -1.31 -4.85
C SER B 246 23.24 -0.62 -3.57
N SER B 247 24.33 -1.08 -2.97
CA SER B 247 24.85 -0.48 -1.75
C SER B 247 26.36 -0.34 -1.75
N ILE B 248 26.85 0.72 -1.11
CA ILE B 248 28.28 1.00 -1.05
C ILE B 248 28.77 1.16 0.39
N ASN B 249 29.85 0.46 0.74
CA ASN B 249 30.42 0.55 2.10
C ASN B 249 30.96 1.94 2.35
N ILE B 250 30.56 2.54 3.47
CA ILE B 250 31.01 3.88 3.81
C ILE B 250 32.49 3.95 4.17
N ASN B 251 33.10 2.80 4.38
CA ASN B 251 34.52 2.75 4.71
C ASN B 251 35.41 2.42 3.51
N ASP B 252 35.05 1.37 2.78
CA ASP B 252 35.81 0.95 1.61
C ASP B 252 35.52 1.84 0.42
N GLY B 253 34.32 1.70 -0.12
CA GLY B 253 33.90 2.44 -1.30
C GLY B 253 33.50 1.36 -2.26
N GLN B 254 33.48 0.13 -1.74
CA GLN B 254 33.12 -1.06 -2.49
C GLN B 254 31.63 -1.31 -2.38
N PHE B 255 31.13 -2.22 -3.22
CA PHE B 255 29.71 -2.55 -3.21
C PHE B 255 29.41 -3.72 -2.28
N ALA B 256 28.46 -3.53 -1.39
CA ALA B 256 28.08 -4.56 -0.43
C ALA B 256 27.28 -5.70 -1.05
N ASP B 257 26.80 -5.53 -2.28
CA ASP B 257 26.04 -6.58 -2.95
C ASP B 257 26.13 -6.50 -4.46
N SER B 258 25.45 -7.44 -5.13
CA SER B 258 25.45 -7.49 -6.58
C SER B 258 24.04 -7.44 -7.15
N ARG B 259 23.14 -6.76 -6.45
CA ARG B 259 21.76 -6.64 -6.92
C ARG B 259 21.69 -5.41 -7.82
N VAL B 260 21.20 -5.59 -9.03
CA VAL B 260 21.10 -4.48 -9.96
C VAL B 260 19.67 -4.25 -10.45
N SER B 261 19.29 -2.98 -10.58
CA SER B 261 17.97 -2.62 -11.07
C SER B 261 17.85 -1.11 -11.20
N TRP B 262 16.78 -0.66 -11.86
CA TRP B 262 16.52 0.74 -12.06
C TRP B 262 15.38 1.22 -11.16
N ASN B 263 14.98 0.37 -10.21
CA ASN B 263 13.90 0.71 -9.28
C ASN B 263 14.33 1.69 -8.22
N GLY B 264 13.38 2.04 -7.34
CA GLY B 264 13.68 2.95 -6.26
C GLY B 264 14.89 2.47 -5.49
N GLY B 265 15.75 3.39 -5.07
CA GLY B 265 16.94 3.00 -4.34
C GLY B 265 18.16 2.95 -5.24
N ASP B 266 17.92 2.78 -6.54
CA ASP B 266 19.00 2.72 -7.53
C ASP B 266 18.74 3.74 -8.63
N ASP B 267 17.52 3.74 -9.15
CA ASP B 267 17.05 4.62 -10.21
C ASP B 267 17.92 5.83 -10.57
N SER B 268 17.83 6.85 -9.73
CA SER B 268 18.52 8.12 -9.91
C SER B 268 20.03 8.10 -10.25
N PHE B 269 20.72 7.02 -9.90
CA PHE B 269 22.16 6.95 -10.20
C PHE B 269 22.38 6.98 -11.71
N TYR B 270 21.77 6.04 -12.42
CA TYR B 270 21.90 5.94 -13.86
C TYR B 270 21.42 7.21 -14.56
N GLU B 271 20.37 7.82 -14.00
CA GLU B 271 19.80 9.05 -14.55
C GLU B 271 20.86 10.15 -14.62
N TYR B 272 21.53 10.39 -13.50
CA TYR B 272 22.54 11.43 -13.41
C TYR B 272 23.81 11.14 -14.20
N LEU B 273 23.98 9.88 -14.62
CA LEU B 273 25.14 9.48 -15.38
C LEU B 273 25.17 10.19 -16.73
N ILE B 274 24.05 10.11 -17.45
CA ILE B 274 23.92 10.75 -18.76
C ILE B 274 23.64 12.24 -18.60
N LYS B 275 22.89 12.60 -17.57
CA LYS B 275 22.57 14.00 -17.32
C LYS B 275 23.79 14.85 -17.01
N MET B 276 24.82 14.24 -16.41
CA MET B 276 26.04 14.97 -16.10
C MET B 276 26.78 15.28 -17.39
N TYR B 277 26.64 14.39 -18.37
CA TYR B 277 27.28 14.57 -19.66
C TYR B 277 26.66 15.81 -20.32
N VAL B 278 25.35 15.96 -20.15
CA VAL B 278 24.63 17.09 -20.70
C VAL B 278 24.97 18.38 -19.98
N TYR B 279 25.40 18.26 -18.73
CA TYR B 279 25.75 19.44 -17.95
C TYR B 279 27.05 20.04 -18.49
N ASP B 280 28.04 19.17 -18.73
CA ASP B 280 29.33 19.58 -19.25
C ASP B 280 29.99 18.38 -19.93
N PRO B 281 29.78 18.24 -21.24
CA PRO B 281 30.34 17.14 -22.02
C PRO B 281 31.86 16.97 -21.91
N LYS B 282 32.56 18.05 -21.56
CA LYS B 282 34.00 17.98 -21.42
C LYS B 282 34.41 17.24 -20.14
N ARG B 283 34.04 17.80 -19.01
CA ARG B 283 34.35 17.23 -17.70
C ARG B 283 33.83 15.82 -17.43
N PHE B 284 32.65 15.49 -17.95
CA PHE B 284 32.07 14.18 -17.67
C PHE B 284 31.88 13.24 -18.86
N GLU B 285 32.87 13.24 -19.75
CA GLU B 285 32.82 12.37 -20.91
C GLU B 285 32.79 10.93 -20.38
N THR B 286 33.46 10.72 -19.26
CA THR B 286 33.53 9.41 -18.62
C THR B 286 32.16 8.91 -18.15
N TYR B 287 31.35 9.82 -17.63
CA TYR B 287 30.02 9.47 -17.16
C TYR B 287 29.18 8.87 -18.27
N LYS B 288 29.17 9.52 -19.43
CA LYS B 288 28.39 9.02 -20.56
C LYS B 288 28.86 7.63 -20.95
N ASP B 289 30.19 7.42 -20.89
CA ASP B 289 30.76 6.13 -21.23
C ASP B 289 30.14 5.03 -20.38
N ARG B 290 30.12 5.22 -19.07
CA ARG B 290 29.53 4.24 -18.16
C ARG B 290 28.03 4.09 -18.41
N TRP B 291 27.37 5.19 -18.77
CA TRP B 291 25.94 5.15 -19.04
C TRP B 291 25.67 4.31 -20.28
N VAL B 292 26.51 4.50 -21.31
CA VAL B 292 26.36 3.74 -22.55
C VAL B 292 26.48 2.26 -22.24
N LEU B 293 27.38 1.93 -21.33
CA LEU B 293 27.57 0.54 -20.95
C LEU B 293 26.28 0.05 -20.29
N ALA B 294 25.81 0.81 -19.30
CA ALA B 294 24.58 0.46 -18.59
C ALA B 294 23.41 0.33 -19.55
N ALA B 295 23.24 1.34 -20.40
CA ALA B 295 22.15 1.36 -21.37
C ALA B 295 22.13 0.09 -22.21
N GLU B 296 23.28 -0.23 -22.82
CA GLU B 296 23.37 -1.42 -23.65
C GLU B 296 23.22 -2.70 -22.83
N SER B 297 23.85 -2.74 -21.66
CA SER B 297 23.74 -3.91 -20.81
C SER B 297 22.28 -4.10 -20.40
N THR B 298 21.61 -2.98 -20.11
CA THR B 298 20.20 -3.02 -19.71
C THR B 298 19.35 -3.60 -20.84
N ILE B 299 19.52 -3.07 -22.04
CA ILE B 299 18.76 -3.53 -23.20
C ILE B 299 19.04 -4.98 -23.50
N LYS B 300 20.27 -5.42 -23.20
CA LYS B 300 20.66 -6.80 -23.47
C LYS B 300 20.30 -7.79 -22.36
N HIS B 301 20.21 -7.35 -21.11
CA HIS B 301 19.90 -8.28 -20.04
C HIS B 301 18.68 -7.97 -19.14
N LEU B 302 18.33 -6.70 -18.99
CA LEU B 302 17.19 -6.34 -18.14
C LEU B 302 15.87 -6.27 -18.90
N LYS B 303 15.94 -6.26 -20.23
CA LYS B 303 14.75 -6.19 -21.07
C LYS B 303 13.86 -7.39 -20.79
N SER B 304 12.56 -7.17 -20.69
CA SER B 304 11.62 -8.25 -20.40
C SER B 304 10.24 -8.03 -21.02
N HIS B 305 9.58 -9.13 -21.37
CA HIS B 305 8.25 -9.09 -21.97
C HIS B 305 7.32 -10.05 -21.25
N PRO B 306 6.09 -9.63 -20.96
CA PRO B 306 5.13 -10.52 -20.27
C PRO B 306 4.67 -11.62 -21.22
N LYS B 307 4.43 -12.82 -20.69
CA LYS B 307 3.96 -13.93 -21.51
C LYS B 307 2.65 -13.62 -22.21
N SER B 308 1.70 -13.07 -21.46
CA SER B 308 0.39 -12.74 -22.00
C SER B 308 0.41 -11.53 -22.92
N ARG B 309 1.49 -10.76 -22.86
CA ARG B 309 1.63 -9.56 -23.69
C ARG B 309 3.08 -9.33 -24.12
N PRO B 310 3.55 -10.11 -25.11
CA PRO B 310 4.91 -9.99 -25.63
C PRO B 310 5.20 -8.61 -26.20
N ASP B 311 4.14 -7.94 -26.66
CA ASP B 311 4.26 -6.61 -27.26
C ASP B 311 4.60 -5.52 -26.25
N LEU B 312 4.66 -5.88 -24.97
CA LEU B 312 4.98 -4.91 -23.93
C LEU B 312 6.37 -5.15 -23.36
N THR B 313 7.08 -4.07 -23.07
CA THR B 313 8.42 -4.17 -22.51
C THR B 313 8.56 -3.49 -21.16
N PHE B 314 9.17 -4.19 -20.23
CA PHE B 314 9.41 -3.68 -18.88
C PHE B 314 10.85 -4.00 -18.52
N LEU B 315 11.34 -3.39 -17.44
CA LEU B 315 12.70 -3.66 -16.99
C LEU B 315 12.62 -4.53 -15.75
N SER B 316 13.53 -5.49 -15.64
CA SER B 316 13.55 -6.39 -14.50
C SER B 316 14.80 -6.16 -13.67
N SER B 317 14.86 -6.80 -12.51
CA SER B 317 16.01 -6.69 -11.62
C SER B 317 16.80 -7.99 -11.66
N TYR B 318 18.11 -7.86 -11.44
CA TYR B 318 19.00 -9.02 -11.45
C TYR B 318 19.84 -9.05 -10.18
N SER B 319 19.81 -10.18 -9.49
CA SER B 319 20.58 -10.33 -8.26
C SER B 319 21.70 -11.35 -8.50
N ASN B 320 21.44 -12.60 -8.15
CA ASN B 320 22.43 -13.66 -8.34
C ASN B 320 21.85 -14.77 -9.20
N ARG B 321 22.08 -14.68 -10.51
CA ARG B 321 21.60 -15.66 -11.47
C ARG B 321 20.10 -15.58 -11.74
N ASN B 322 19.34 -15.07 -10.76
CA ASN B 322 17.89 -14.98 -10.92
C ASN B 322 17.38 -13.58 -11.23
N TYR B 323 16.33 -13.52 -12.06
CA TYR B 323 15.72 -12.26 -12.45
C TYR B 323 14.37 -12.07 -11.73
N ASP B 324 14.08 -10.83 -11.36
CA ASP B 324 12.83 -10.51 -10.68
C ASP B 324 11.92 -9.80 -11.67
N LEU B 325 10.86 -10.48 -12.10
CA LEU B 325 9.92 -9.91 -13.07
C LEU B 325 8.87 -9.00 -12.46
N SER B 326 9.30 -7.84 -11.98
CA SER B 326 8.41 -6.86 -11.38
C SER B 326 9.05 -5.49 -11.51
N SER B 327 8.25 -4.43 -11.41
CA SER B 327 8.77 -3.09 -11.51
C SER B 327 7.96 -2.08 -10.69
N GLN B 328 8.40 -0.83 -10.70
CA GLN B 328 7.74 0.22 -9.94
C GLN B 328 7.41 1.43 -10.81
N HIS B 329 6.54 2.28 -10.29
CA HIS B 329 6.15 3.50 -10.99
C HIS B 329 7.44 4.32 -11.08
N LEU B 330 8.24 4.24 -10.02
CA LEU B 330 9.53 4.94 -9.95
C LEU B 330 10.44 4.57 -11.12
N THR B 331 10.38 3.30 -11.52
CA THR B 331 11.22 2.79 -12.60
C THR B 331 10.91 3.41 -13.97
N CYS B 332 9.68 3.91 -14.13
CA CYS B 332 9.26 4.50 -15.40
C CYS B 332 10.00 5.74 -15.84
N PHE B 333 10.94 6.19 -15.03
CA PHE B 333 11.75 7.35 -15.39
C PHE B 333 12.71 6.88 -16.50
N ASP B 334 12.89 5.56 -16.59
CA ASP B 334 13.81 4.97 -17.55
C ASP B 334 13.62 5.36 -19.01
N GLY B 335 12.40 5.29 -19.52
CA GLY B 335 12.17 5.67 -20.91
C GLY B 335 12.75 7.04 -21.18
N GLY B 336 12.45 7.99 -20.29
CA GLY B 336 12.95 9.34 -20.45
C GLY B 336 14.48 9.39 -20.45
N SER B 337 15.10 8.46 -19.73
CA SER B 337 16.55 8.42 -19.67
C SER B 337 17.14 7.95 -20.99
N PHE B 338 16.55 6.92 -21.57
CA PHE B 338 17.02 6.39 -22.85
C PHE B 338 16.77 7.39 -23.97
N LEU B 339 15.70 8.17 -23.84
CA LEU B 339 15.35 9.17 -24.84
C LEU B 339 16.31 10.36 -24.79
N LEU B 340 16.54 10.86 -23.58
CA LEU B 340 17.43 11.99 -23.38
C LEU B 340 18.84 11.65 -23.85
N GLY B 341 19.32 10.47 -23.48
CA GLY B 341 20.65 10.05 -23.88
C GLY B 341 20.72 9.61 -25.33
N GLY B 342 19.58 9.22 -25.88
CA GLY B 342 19.52 8.78 -27.26
C GLY B 342 19.53 9.93 -28.25
N THR B 343 18.93 11.04 -27.86
CA THR B 343 18.89 12.22 -28.72
C THR B 343 20.22 12.94 -28.64
N VAL B 344 20.78 13.01 -27.42
CA VAL B 344 22.05 13.67 -27.19
C VAL B 344 23.20 12.93 -27.88
N LEU B 345 23.25 11.61 -27.72
CA LEU B 345 24.30 10.80 -28.33
C LEU B 345 23.92 10.45 -29.76
N ASP B 346 22.69 10.76 -30.14
CA ASP B 346 22.19 10.47 -31.48
C ASP B 346 22.24 8.97 -31.74
N ARG B 347 21.77 8.20 -30.76
CA ARG B 347 21.72 6.74 -30.88
C ARG B 347 20.25 6.35 -31.08
N GLN B 348 19.89 6.01 -32.31
CA GLN B 348 18.53 5.64 -32.63
C GLN B 348 18.07 4.40 -31.88
N ASP B 349 19.01 3.51 -31.59
CA ASP B 349 18.68 2.28 -30.88
C ASP B 349 18.23 2.57 -29.44
N PHE B 350 18.78 3.61 -28.83
CA PHE B 350 18.39 3.97 -27.47
C PHE B 350 17.03 4.66 -27.50
N ILE B 351 16.80 5.47 -28.52
CA ILE B 351 15.54 6.18 -28.65
C ILE B 351 14.38 5.22 -28.88
N ASP B 352 14.58 4.23 -29.73
CA ASP B 352 13.52 3.27 -30.01
C ASP B 352 13.18 2.43 -28.78
N PHE B 353 14.21 2.08 -28.01
CA PHE B 353 14.02 1.28 -26.79
C PHE B 353 13.32 2.13 -25.73
N GLY B 354 13.70 3.40 -25.66
CA GLY B 354 13.08 4.30 -24.69
C GLY B 354 11.60 4.41 -24.94
N LEU B 355 11.21 4.37 -26.21
CA LEU B 355 9.81 4.46 -26.58
C LEU B 355 9.07 3.18 -26.23
N GLU B 356 9.79 2.06 -26.21
CA GLU B 356 9.18 0.80 -25.84
C GLU B 356 8.87 0.85 -24.36
N LEU B 357 9.81 1.39 -23.58
CA LEU B 357 9.63 1.51 -22.14
C LEU B 357 8.46 2.45 -21.86
N VAL B 358 8.33 3.49 -22.68
CA VAL B 358 7.26 4.46 -22.52
C VAL B 358 5.88 3.83 -22.77
N ASP B 359 5.79 2.95 -23.77
CA ASP B 359 4.53 2.29 -24.07
C ASP B 359 4.17 1.36 -22.91
N GLY B 360 5.18 0.70 -22.37
CA GLY B 360 4.96 -0.21 -21.25
C GLY B 360 4.35 0.52 -20.07
N CYS B 361 4.93 1.66 -19.72
CA CYS B 361 4.43 2.45 -18.60
C CYS B 361 3.07 3.03 -18.94
N GLU B 362 2.87 3.41 -20.20
CA GLU B 362 1.60 3.95 -20.64
C GLU B 362 0.52 2.86 -20.49
N ALA B 363 0.93 1.61 -20.69
CA ALA B 363 0.01 0.49 -20.58
C ALA B 363 -0.48 0.27 -19.16
N THR B 364 0.38 0.49 -18.17
CA THR B 364 -0.04 0.32 -16.78
C THR B 364 -1.03 1.40 -16.41
N TYR B 365 -0.97 2.53 -17.11
CA TYR B 365 -1.88 3.64 -16.85
C TYR B 365 -3.26 3.47 -17.47
N ASN B 366 -3.34 3.29 -18.78
CA ASN B 366 -4.65 3.16 -19.41
C ASN B 366 -5.33 1.81 -19.23
N SER B 367 -4.73 0.93 -18.44
CA SER B 367 -5.32 -0.39 -18.19
C SER B 367 -6.09 -0.44 -16.87
N THR B 368 -5.93 0.59 -16.05
CA THR B 368 -6.62 0.64 -14.75
C THR B 368 -7.94 1.38 -14.89
N LEU B 369 -8.80 1.24 -13.89
CA LEU B 369 -10.10 1.89 -13.88
C LEU B 369 -9.96 3.42 -13.88
N THR B 370 -9.13 3.94 -12.98
CA THR B 370 -8.95 5.40 -12.89
C THR B 370 -8.08 6.00 -14.00
N LYS B 371 -7.38 5.14 -14.74
CA LYS B 371 -6.48 5.58 -15.81
C LYS B 371 -5.18 6.12 -15.23
N ILE B 372 -4.85 5.65 -14.03
CA ILE B 372 -3.61 6.01 -13.34
C ILE B 372 -2.91 4.69 -13.05
N GLY B 373 -1.61 4.62 -13.32
CA GLY B 373 -0.87 3.40 -13.09
C GLY B 373 -0.60 3.07 -11.63
N PRO B 374 -0.32 1.80 -11.31
CA PRO B 374 -0.03 1.34 -9.95
C PRO B 374 1.38 1.68 -9.51
N ASP B 375 1.61 1.63 -8.21
CA ASP B 375 2.92 1.93 -7.64
C ASP B 375 3.91 0.81 -7.94
N SER B 376 3.40 -0.42 -8.07
CA SER B 376 4.25 -1.56 -8.37
C SER B 376 3.41 -2.65 -9.04
N TRP B 377 4.04 -3.39 -9.93
CA TRP B 377 3.34 -4.45 -10.66
C TRP B 377 4.31 -5.58 -11.01
N GLY B 378 3.75 -6.72 -11.39
CA GLY B 378 4.57 -7.85 -11.75
C GLY B 378 3.98 -8.58 -12.94
N TRP B 379 4.78 -9.44 -13.57
CA TRP B 379 4.31 -10.19 -14.72
C TRP B 379 4.87 -11.61 -14.69
N ASP B 380 5.30 -12.03 -13.50
CA ASP B 380 5.85 -13.36 -13.31
C ASP B 380 4.69 -14.36 -13.38
N PRO B 381 4.72 -15.24 -14.41
CA PRO B 381 3.68 -16.26 -14.62
C PRO B 381 3.40 -17.16 -13.41
N LYS B 382 4.42 -17.42 -12.62
CA LYS B 382 4.29 -18.29 -11.45
C LYS B 382 3.70 -17.59 -10.22
N LYS B 383 3.57 -16.27 -10.28
CA LYS B 383 3.06 -15.52 -9.14
C LYS B 383 1.83 -14.66 -9.44
N VAL B 384 1.06 -15.05 -10.44
CA VAL B 384 -0.14 -14.29 -10.79
C VAL B 384 -1.25 -14.58 -9.79
N PRO B 385 -1.68 -13.54 -9.04
CA PRO B 385 -2.75 -13.74 -8.07
C PRO B 385 -3.97 -14.35 -8.73
N SER B 386 -4.72 -15.15 -7.97
CA SER B 386 -5.91 -15.80 -8.51
C SER B 386 -7.03 -14.80 -8.83
N ASP B 387 -7.06 -13.70 -8.09
CA ASP B 387 -8.09 -12.68 -8.29
C ASP B 387 -7.74 -11.70 -9.41
N GLN B 388 -6.53 -11.83 -9.95
CA GLN B 388 -6.08 -10.95 -11.03
C GLN B 388 -5.69 -11.75 -12.27
N LYS B 389 -5.96 -13.04 -12.24
CA LYS B 389 -5.64 -13.93 -13.36
C LYS B 389 -6.17 -13.42 -14.68
N GLU B 390 -7.40 -12.91 -14.68
CA GLU B 390 -8.00 -12.38 -15.89
C GLU B 390 -7.43 -11.02 -16.29
N PHE B 391 -7.12 -10.20 -15.30
CA PHE B 391 -6.55 -8.88 -15.55
C PHE B 391 -5.22 -9.09 -16.26
N TYR B 392 -4.39 -9.97 -15.68
CA TYR B 392 -3.09 -10.29 -16.24
C TYR B 392 -3.23 -10.83 -17.66
N GLU B 393 -4.34 -11.52 -17.89
CA GLU B 393 -4.62 -12.11 -19.19
C GLU B 393 -4.57 -11.06 -20.30
N LYS B 394 -5.32 -9.97 -20.12
CA LYS B 394 -5.35 -8.92 -21.13
C LYS B 394 -4.39 -7.75 -20.94
N ALA B 395 -4.20 -7.34 -19.69
CA ALA B 395 -3.31 -6.22 -19.37
C ALA B 395 -1.83 -6.57 -19.52
N GLY B 396 -1.47 -7.81 -19.21
CA GLY B 396 -0.10 -8.22 -19.31
C GLY B 396 0.66 -8.09 -18.00
N PHE B 397 -0.07 -7.80 -16.93
CA PHE B 397 0.54 -7.65 -15.62
C PHE B 397 -0.52 -7.67 -14.52
N TYR B 398 -0.07 -7.84 -13.29
CA TYR B 398 -0.97 -7.83 -12.14
C TYR B 398 -0.47 -6.77 -11.19
N ILE B 399 -1.40 -6.13 -10.48
CA ILE B 399 -1.04 -5.08 -9.55
C ILE B 399 -0.48 -5.63 -8.24
N SER B 400 0.66 -5.11 -7.84
CA SER B 400 1.33 -5.51 -6.61
C SER B 400 1.00 -4.50 -5.51
N SER B 401 0.68 -3.29 -5.92
CA SER B 401 0.32 -2.20 -5.02
C SER B 401 -0.44 -1.19 -5.87
N GLY B 402 -1.71 -1.01 -5.59
CA GLY B 402 -2.52 -0.10 -6.38
C GLY B 402 -2.58 1.35 -5.97
N SER B 403 -1.69 1.77 -5.07
CA SER B 403 -1.71 3.14 -4.63
C SER B 403 -0.96 4.06 -5.60
N TYR B 404 -1.32 5.33 -5.58
CA TYR B 404 -0.68 6.32 -6.42
C TYR B 404 -0.40 7.48 -5.46
N VAL B 405 0.88 7.77 -5.24
CA VAL B 405 1.25 8.84 -4.34
C VAL B 405 1.71 10.10 -5.05
N LEU B 406 0.97 10.45 -6.09
CA LEU B 406 1.22 11.64 -6.89
C LEU B 406 2.61 11.63 -7.54
N ARG B 407 3.08 10.46 -7.93
CA ARG B 407 4.40 10.36 -8.56
C ARG B 407 4.38 10.87 -9.99
N PRO B 408 5.51 11.41 -10.47
CA PRO B 408 5.62 11.96 -11.81
C PRO B 408 6.35 11.20 -12.91
N GLU B 409 7.05 10.13 -12.55
CA GLU B 409 7.85 9.38 -13.51
C GLU B 409 7.23 9.08 -14.88
N VAL B 410 5.97 8.68 -14.90
CA VAL B 410 5.32 8.34 -16.15
C VAL B 410 5.10 9.57 -17.00
N ILE B 411 4.53 10.63 -16.41
CA ILE B 411 4.30 11.86 -17.15
C ILE B 411 5.66 12.43 -17.58
N GLU B 412 6.67 12.24 -16.74
CA GLU B 412 8.01 12.72 -17.03
C GLU B 412 8.53 12.11 -18.33
N SER B 413 8.44 10.78 -18.44
CA SER B 413 8.91 10.11 -19.64
C SER B 413 8.08 10.42 -20.88
N PHE B 414 6.79 10.69 -20.68
CA PHE B 414 5.91 11.04 -21.80
C PHE B 414 6.41 12.36 -22.36
N TYR B 415 6.73 13.29 -21.45
CA TYR B 415 7.22 14.60 -21.84
C TYR B 415 8.45 14.47 -22.73
N TYR B 416 9.43 13.69 -22.31
CA TYR B 416 10.63 13.52 -23.13
C TYR B 416 10.28 12.94 -24.49
N ALA B 417 9.35 11.99 -24.52
CA ALA B 417 8.95 11.37 -25.79
C ALA B 417 8.43 12.42 -26.76
N HIS B 418 7.60 13.33 -26.26
CA HIS B 418 7.04 14.37 -27.10
C HIS B 418 8.12 15.34 -27.60
N ARG B 419 9.01 15.74 -26.69
CA ARG B 419 10.07 16.66 -27.04
C ARG B 419 11.04 16.07 -28.06
N VAL B 420 11.32 14.77 -27.94
CA VAL B 420 12.25 14.10 -28.83
C VAL B 420 11.67 13.65 -30.17
N THR B 421 10.48 13.05 -30.15
CA THR B 421 9.86 12.56 -31.38
C THR B 421 9.02 13.63 -32.08
N GLY B 422 8.41 14.52 -31.30
CA GLY B 422 7.58 15.54 -31.88
C GLY B 422 6.17 15.02 -32.09
N LYS B 423 5.99 13.71 -31.87
CA LYS B 423 4.69 13.07 -32.02
C LYS B 423 3.69 13.65 -31.03
N GLU B 424 2.48 13.91 -31.52
CA GLU B 424 1.43 14.49 -30.71
C GLU B 424 0.80 13.50 -29.71
N ILE B 425 0.84 12.21 -30.04
CA ILE B 425 0.24 11.21 -29.17
C ILE B 425 0.80 11.24 -27.76
N TYR B 426 2.11 11.41 -27.63
CA TYR B 426 2.73 11.46 -26.31
C TYR B 426 2.23 12.63 -25.49
N ARG B 427 1.93 13.74 -26.16
CA ARG B 427 1.40 14.92 -25.48
C ARG B 427 -0.02 14.60 -24.99
N ASP B 428 -0.73 13.78 -25.75
CA ASP B 428 -2.08 13.38 -25.37
C ASP B 428 -2.04 12.50 -24.12
N TRP B 429 -1.08 11.59 -24.06
CA TRP B 429 -0.94 10.70 -22.92
C TRP B 429 -0.65 11.50 -21.63
N VAL B 430 0.01 12.64 -21.77
CA VAL B 430 0.31 13.49 -20.63
C VAL B 430 -1.01 14.09 -20.14
N TRP B 431 -1.79 14.61 -21.10
CA TRP B 431 -3.06 15.25 -20.79
C TRP B 431 -4.04 14.26 -20.17
N ASN B 432 -4.12 13.06 -20.74
CA ASN B 432 -5.02 12.03 -20.24
C ASN B 432 -4.69 11.69 -18.78
N ALA B 433 -3.40 11.60 -18.48
CA ALA B 433 -2.95 11.30 -17.13
C ALA B 433 -3.28 12.46 -16.20
N PHE B 434 -2.98 13.67 -16.64
CA PHE B 434 -3.25 14.86 -15.84
C PHE B 434 -4.73 14.95 -15.47
N VAL B 435 -5.59 14.71 -16.45
CA VAL B 435 -7.04 14.76 -16.23
C VAL B 435 -7.48 13.71 -15.21
N ALA B 436 -6.93 12.50 -15.34
CA ALA B 436 -7.27 11.42 -14.42
C ALA B 436 -6.88 11.82 -12.99
N ILE B 437 -5.67 12.37 -12.85
CA ILE B 437 -5.17 12.80 -11.55
C ILE B 437 -6.04 13.91 -10.98
N ASN B 438 -6.42 14.86 -11.83
CA ASN B 438 -7.23 15.98 -11.39
C ASN B 438 -8.63 15.58 -10.90
N SER B 439 -9.24 14.58 -11.53
CA SER B 439 -10.57 14.17 -11.11
C SER B 439 -10.53 13.13 -10.01
N THR B 440 -9.46 12.34 -9.94
CA THR B 440 -9.35 11.30 -8.92
C THR B 440 -8.72 11.74 -7.61
N CYS B 441 -7.67 12.56 -7.67
CA CYS B 441 -6.94 13.00 -6.49
C CYS B 441 -7.28 14.37 -5.89
N ARG B 442 -7.98 15.21 -6.65
CA ARG B 442 -8.31 16.55 -6.18
C ARG B 442 -9.24 16.64 -4.98
N THR B 443 -8.89 17.48 -4.02
CA THR B 443 -9.70 17.72 -2.84
C THR B 443 -9.97 19.23 -2.79
N ASP B 444 -10.66 19.69 -1.76
CA ASP B 444 -10.97 21.11 -1.63
C ASP B 444 -9.73 21.98 -1.46
N SER B 445 -8.72 21.44 -0.79
CA SER B 445 -7.50 22.21 -0.56
C SER B 445 -6.35 21.91 -1.51
N GLY B 446 -6.35 20.72 -2.10
CA GLY B 446 -5.27 20.39 -3.00
C GLY B 446 -5.42 19.06 -3.70
N PHE B 447 -4.40 18.23 -3.59
CA PHE B 447 -4.39 16.90 -4.20
C PHE B 447 -3.90 15.85 -3.20
N ALA B 448 -4.49 14.67 -3.26
CA ALA B 448 -4.12 13.62 -2.34
C ALA B 448 -3.78 12.31 -3.03
N ALA B 449 -2.95 11.52 -2.37
CA ALA B 449 -2.56 10.21 -2.84
C ALA B 449 -3.79 9.33 -2.67
N VAL B 450 -3.90 8.29 -3.47
CA VAL B 450 -5.02 7.36 -3.36
C VAL B 450 -4.53 5.94 -3.17
N SER B 451 -5.37 5.14 -2.52
CA SER B 451 -5.04 3.75 -2.21
C SER B 451 -5.19 2.72 -3.32
N ASP B 452 -6.14 2.90 -4.22
CA ASP B 452 -6.33 1.91 -5.27
C ASP B 452 -6.69 2.50 -6.63
N VAL B 453 -5.73 2.53 -7.55
CA VAL B 453 -5.97 3.10 -8.88
C VAL B 453 -6.90 2.25 -9.73
N ASN B 454 -7.26 1.06 -9.25
CA ASN B 454 -8.14 0.21 -10.03
C ASN B 454 -9.54 0.13 -9.43
N LYS B 455 -9.87 1.08 -8.58
CA LYS B 455 -11.19 1.14 -7.95
C LYS B 455 -11.79 2.51 -8.20
N ALA B 456 -13.11 2.58 -8.11
CA ALA B 456 -13.81 3.85 -8.33
C ALA B 456 -13.26 4.93 -7.40
N ASN B 457 -12.97 6.09 -7.98
CA ASN B 457 -12.47 7.23 -7.23
C ASN B 457 -11.12 6.99 -6.57
N GLY B 458 -10.40 5.96 -7.03
CA GLY B 458 -9.10 5.65 -6.48
C GLY B 458 -9.13 4.97 -5.12
N GLY B 459 -10.31 4.50 -4.71
CA GLY B 459 -10.43 3.84 -3.42
C GLY B 459 -10.56 4.85 -2.29
N SER B 460 -9.52 4.96 -1.47
CA SER B 460 -9.51 5.90 -0.35
C SER B 460 -8.37 6.89 -0.52
N LYS B 461 -8.60 8.13 -0.12
CA LYS B 461 -7.56 9.15 -0.21
C LYS B 461 -6.66 9.10 1.03
N TYR B 462 -5.37 9.33 0.81
CA TYR B 462 -4.37 9.40 1.89
C TYR B 462 -4.33 10.87 2.27
N ASP B 463 -4.09 11.17 3.55
CA ASP B 463 -3.99 12.57 3.95
C ASP B 463 -2.53 12.96 3.71
N ASN B 464 -2.11 12.93 2.45
CA ASN B 464 -0.73 13.24 2.08
C ASN B 464 -0.56 13.87 0.69
N GLN B 465 0.22 14.94 0.65
CA GLN B 465 0.53 15.64 -0.60
C GLN B 465 2.03 15.99 -0.60
N GLU B 466 2.82 15.15 -1.24
CA GLU B 466 4.27 15.35 -1.31
C GLU B 466 4.61 16.60 -2.10
N SER B 467 5.73 17.23 -1.76
CA SER B 467 6.16 18.44 -2.44
C SER B 467 6.40 18.24 -3.92
N PHE B 468 6.72 17.01 -4.34
CA PHE B 468 6.97 16.80 -5.77
C PHE B 468 5.72 16.96 -6.64
N LEU B 469 4.59 17.25 -6.01
CA LEU B 469 3.35 17.49 -6.72
C LEU B 469 3.55 18.85 -7.41
N PHE B 470 4.09 19.80 -6.66
CA PHE B 470 4.35 21.14 -7.17
C PHE B 470 5.53 21.15 -8.13
N ALA B 471 6.61 20.50 -7.73
CA ALA B 471 7.84 20.46 -8.53
C ALA B 471 7.81 19.61 -9.80
N GLU B 472 7.20 18.43 -9.73
CA GLU B 472 7.22 17.56 -10.91
C GLU B 472 5.93 17.33 -11.66
N VAL B 473 4.91 16.81 -10.98
CA VAL B 473 3.64 16.54 -11.64
C VAL B 473 3.14 17.77 -12.41
N MET B 474 3.08 18.90 -11.72
CA MET B 474 2.61 20.15 -12.32
C MET B 474 3.51 20.74 -13.40
N LYS B 475 4.82 20.62 -13.22
CA LYS B 475 5.74 21.18 -14.20
C LYS B 475 5.72 20.43 -15.52
N TYR B 476 5.94 19.12 -15.47
CA TYR B 476 5.96 18.29 -16.68
C TYR B 476 4.64 18.35 -17.46
N SER B 477 3.53 18.41 -16.73
CA SER B 477 2.23 18.47 -17.35
C SER B 477 2.09 19.80 -18.09
N TYR B 478 2.61 20.85 -17.48
CA TYR B 478 2.58 22.19 -18.05
C TYR B 478 3.48 22.32 -19.27
N LEU B 479 4.73 21.89 -19.13
CA LEU B 479 5.69 21.96 -20.22
C LEU B 479 5.24 21.22 -21.48
N ALA B 480 4.51 20.13 -21.29
CA ALA B 480 4.04 19.34 -22.43
C ALA B 480 3.09 20.12 -23.35
N HIS B 481 2.44 21.14 -22.81
CA HIS B 481 1.49 21.95 -23.58
C HIS B 481 1.85 23.43 -23.66
N SER B 482 2.96 23.83 -23.06
CA SER B 482 3.37 25.23 -23.07
C SER B 482 4.27 25.53 -24.27
N GLU B 483 4.54 26.81 -24.50
CA GLU B 483 5.38 27.23 -25.61
C GLU B 483 6.83 26.81 -25.42
N ASP B 484 7.57 26.73 -26.52
CA ASP B 484 8.97 26.34 -26.49
C ASP B 484 9.72 27.39 -25.65
N ALA B 485 10.79 26.96 -25.01
CA ALA B 485 11.59 27.87 -24.19
C ALA B 485 12.94 27.22 -23.94
N ALA B 486 13.85 27.99 -23.36
CA ALA B 486 15.19 27.48 -23.08
C ALA B 486 15.10 26.35 -22.05
N TRP B 487 14.21 26.49 -21.09
CA TRP B 487 14.07 25.47 -20.06
C TRP B 487 13.45 24.17 -20.56
N GLN B 488 12.95 24.17 -21.80
CA GLN B 488 12.35 22.98 -22.38
C GLN B 488 13.44 22.00 -22.81
N VAL B 489 13.19 20.71 -22.65
CA VAL B 489 14.17 19.71 -23.08
C VAL B 489 14.32 19.86 -24.59
N GLN B 490 15.51 19.63 -25.11
CA GLN B 490 15.77 19.77 -26.53
C GLN B 490 16.43 18.52 -27.11
N LYS B 491 16.39 18.40 -28.43
CA LYS B 491 17.00 17.27 -29.12
C LYS B 491 18.48 17.54 -29.38
N GLY B 492 19.21 16.48 -29.71
CA GLY B 492 20.64 16.62 -29.99
C GLY B 492 21.43 17.37 -28.95
N GLY B 493 22.29 18.28 -29.40
CA GLY B 493 23.11 19.05 -28.47
C GLY B 493 22.58 20.43 -28.18
N LYS B 494 21.28 20.64 -28.37
CA LYS B 494 20.68 21.95 -28.14
C LYS B 494 20.33 22.29 -26.71
N ASN B 495 20.53 21.36 -25.78
CA ASN B 495 20.18 21.61 -24.37
C ASN B 495 21.01 22.64 -23.63
N THR B 496 20.33 23.61 -23.03
CA THR B 496 20.99 24.65 -22.24
C THR B 496 20.64 24.44 -20.77
N PHE B 497 19.63 23.60 -20.51
CA PHE B 497 19.20 23.29 -19.16
C PHE B 497 19.12 21.78 -19.01
N VAL B 498 19.34 21.31 -17.80
CA VAL B 498 19.25 19.89 -17.50
C VAL B 498 18.42 19.76 -16.23
N TYR B 499 17.45 18.85 -16.25
CA TYR B 499 16.61 18.66 -15.09
C TYR B 499 17.21 17.76 -14.04
N ASN B 500 17.16 18.21 -12.79
CA ASN B 500 17.67 17.40 -11.70
C ASN B 500 16.56 16.34 -11.52
N THR B 501 16.73 15.45 -10.56
CA THR B 501 15.75 14.38 -10.37
C THR B 501 14.39 14.80 -9.78
N GLU B 502 14.28 16.05 -9.35
CA GLU B 502 13.03 16.54 -8.78
C GLU B 502 12.39 17.54 -9.77
N ALA B 503 12.77 17.42 -11.04
CA ALA B 503 12.24 18.30 -12.08
C ALA B 503 12.65 19.77 -11.92
N HIS B 504 13.82 20.00 -11.33
CA HIS B 504 14.32 21.36 -11.17
C HIS B 504 15.35 21.60 -12.28
N PRO B 505 15.03 22.50 -13.23
CA PRO B 505 15.89 22.84 -14.37
C PRO B 505 17.18 23.55 -13.95
N ILE B 506 18.31 22.90 -14.22
CA ILE B 506 19.60 23.48 -13.89
C ILE B 506 20.31 23.92 -15.17
N SER B 507 20.89 25.11 -15.14
CA SER B 507 21.61 25.64 -16.30
C SER B 507 22.86 24.79 -16.55
N VAL B 508 23.17 24.56 -17.82
CA VAL B 508 24.35 23.76 -18.16
C VAL B 508 25.65 24.53 -17.89
N ALA B 509 26.76 23.82 -17.86
CA ALA B 509 28.06 24.42 -17.60
C ALA B 509 28.46 25.49 -18.62
N ARG B 510 29.28 26.44 -18.16
CA ARG B 510 29.78 27.53 -18.98
C ARG B 510 28.68 28.54 -19.33
C1 NAG C . -28.41 -3.71 -12.40
C2 NAG C . -27.56 -2.48 -12.71
C3 NAG C . -28.45 -1.30 -13.12
C4 NAG C . -29.50 -1.70 -14.17
C5 NAG C . -30.21 -2.98 -13.75
C6 NAG C . -31.16 -3.50 -14.82
C7 NAG C . -25.57 -1.67 -11.64
C8 NAG C . -25.36 -0.19 -11.39
N2 NAG C . -26.81 -2.13 -11.52
O3 NAG C . -27.62 -0.27 -13.65
O4 NAG C . -30.47 -0.65 -14.33
O5 NAG C . -29.25 -4.02 -13.51
O6 NAG C . -32.50 -3.43 -14.37
O7 NAG C . -24.62 -2.40 -11.94
C1 NAG C . -30.05 0.47 -15.04
C2 NAG C . -31.14 1.56 -15.00
C3 NAG C . -30.61 2.78 -15.75
C4 NAG C . -30.20 2.38 -17.19
C5 NAG C . -29.24 1.17 -17.18
C6 NAG C . -27.85 1.48 -16.65
C7 NAG C . -32.99 0.00 -15.19
C8 NAG C . -33.05 -1.18 -16.15
N2 NAG C . -32.36 1.09 -15.63
O3 NAG C . -29.49 3.32 -15.07
O4 NAG C . -31.37 2.07 -17.94
O5 NAG C . -29.80 0.09 -16.39
O6 NAG C . -27.49 2.83 -16.89
O7 NAG C . -33.50 -0.08 -14.08
C1 NAG D . 7.71 -10.00 20.64
C2 NAG D . 7.49 -10.26 22.15
C3 NAG D . 8.19 -11.55 22.63
C4 NAG D . 7.93 -12.75 21.69
C5 NAG D . 8.19 -12.32 20.24
C6 NAG D . 7.87 -13.40 19.23
C7 NAG D . 7.26 -8.39 23.68
C8 NAG D . 7.96 -7.35 24.54
N2 NAG D . 8.04 -9.13 22.89
O3 NAG D . 7.75 -11.86 23.95
O4 NAG D . 8.86 -13.81 22.02
O5 NAG D . 7.37 -11.17 19.89
O6 NAG D . 6.57 -13.93 19.46
O7 NAG D . 6.04 -8.51 23.72
C1 NAG D . 8.53 -14.93 22.78
C2 NAG D . 9.29 -16.15 22.23
C3 NAG D . 8.49 -17.44 22.37
C4 NAG D . 7.66 -17.43 23.64
C5 NAG D . 6.67 -16.23 23.63
C6 NAG D . 6.53 -15.61 25.01
C7 NAG D . 10.81 -15.80 20.41
C8 NAG D . 11.14 -16.43 19.06
N2 NAG D . 9.56 -15.94 20.83
O3 NAG D . 9.39 -18.55 22.42
O4 NAG D . 6.95 -18.68 23.76
O5 NAG D . 7.12 -15.18 22.73
O6 NAG D . 5.79 -16.46 25.88
O7 NAG D . 11.67 -15.19 21.05
C1 MAN D . 7.31 -19.45 24.86
C2 MAN D . 6.36 -20.64 25.04
C3 MAN D . 6.84 -21.48 26.24
C4 MAN D . 8.31 -21.87 26.09
C5 MAN D . 9.15 -20.62 25.83
C6 MAN D . 10.64 -20.88 25.65
O2 MAN D . 6.34 -21.44 23.88
O3 MAN D . 6.03 -22.67 26.36
O4 MAN D . 8.76 -22.50 27.27
O5 MAN D . 8.65 -19.93 24.66
O6 MAN D . 10.90 -21.42 24.33
C1 MAN D . 5.29 -22.77 27.54
C2 MAN D . 4.96 -24.23 27.82
C3 MAN D . 4.01 -24.76 26.73
C4 MAN D . 2.76 -23.89 26.66
C5 MAN D . 3.15 -22.41 26.46
C6 MAN D . 1.95 -21.48 26.55
O2 MAN D . 4.31 -24.34 29.07
O3 MAN D . 3.65 -26.11 27.02
O4 MAN D . 1.95 -24.32 25.57
O5 MAN D . 4.09 -22.00 27.48
O6 MAN D . 2.37 -20.14 26.76
C1 MAN D . 12.20 -21.91 24.23
C2 MAN D . 12.66 -21.90 22.77
C3 MAN D . 11.93 -22.96 21.95
C4 MAN D . 12.05 -24.32 22.63
C5 MAN D . 11.60 -24.23 24.09
C6 MAN D . 11.82 -25.53 24.84
O2 MAN D . 14.07 -22.13 22.69
O3 MAN D . 12.48 -23.03 20.65
O4 MAN D . 11.24 -25.27 21.94
O5 MAN D . 12.34 -23.21 24.78
O6 MAN D . 10.60 -26.23 25.04
C1 NAG E . -6.92 6.20 23.66
C2 NAG E . -6.45 6.07 25.11
C3 NAG E . -7.25 7.05 25.99
C4 NAG E . -7.18 8.47 25.42
C5 NAG E . -7.56 8.48 23.93
C6 NAG E . -7.35 9.85 23.30
C7 NAG E . -5.74 4.09 26.28
C8 NAG E . -6.21 3.00 27.24
N2 NAG E . -6.68 4.71 25.57
O3 NAG E . -6.73 7.04 27.30
O4 NAG E . -8.08 9.30 26.14
O5 NAG E . -6.74 7.55 23.20
O6 NAG E . -5.97 10.08 23.04
O7 NAG E . -4.55 4.34 26.19
C1 NAG E . -7.64 10.59 26.42
C2 NAG E . -6.67 10.56 27.60
C3 NAG E . -6.20 12.00 27.88
C4 NAG E . -7.40 12.94 28.06
C5 NAG E . -8.43 12.79 26.92
C6 NAG E . -7.98 13.35 25.58
C7 NAG E . -6.70 9.95 29.93
C8 NAG E . -6.16 8.58 30.32
N2 NAG E . -7.35 10.03 28.76
O3 NAG E . -5.39 12.45 26.80
O4 NAG E . -8.02 12.69 29.30
O5 NAG E . -8.77 11.40 26.73
O6 NAG E . -8.74 12.78 24.52
O7 NAG E . -6.53 10.91 30.67
C1 NAG F . 20.49 15.43 17.16
C2 NAG F . 19.63 14.51 18.03
C3 NAG F . 18.92 15.37 19.08
C4 NAG F . 19.94 16.19 19.88
C5 NAG F . 20.88 16.96 18.94
C6 NAG F . 22.02 17.63 19.69
C7 NAG F . 17.49 14.23 16.95
C8 NAG F . 16.31 13.46 17.52
N2 NAG F . 18.70 13.75 17.21
O3 NAG F . 18.18 14.54 19.96
O4 NAG F . 19.26 17.12 20.74
O5 NAG F . 21.47 16.08 17.97
O6 NAG F . 22.76 16.67 20.45
O7 NAG F . 17.30 15.25 16.28
C1 NAG F . 19.11 16.77 22.08
C2 NAG F . 18.80 18.01 22.90
C3 NAG F . 18.64 17.60 24.37
C4 NAG F . 19.90 16.88 24.85
C5 NAG F . 20.28 15.73 23.92
C6 NAG F . 19.35 14.52 23.95
C7 NAG F . 19.73 20.04 21.98
C8 NAG F . 19.20 21.31 22.61
N2 NAG F . 19.87 18.98 22.78
O3 NAG F . 17.51 16.74 24.51
O4 NAG F . 20.97 17.81 24.94
O5 NAG F . 20.35 16.19 22.54
O6 NAG F . 18.62 14.47 25.17
O7 NAG F . 20.00 20.02 20.78
C1 NAG G . -2.76 2.48 -23.96
C2 NAG G . -2.68 3.49 -25.13
C3 NAG G . -2.37 2.74 -26.44
C4 NAG G . -1.08 1.92 -26.28
C5 NAG G . -1.20 1.01 -25.06
C6 NAG G . 0.09 0.27 -24.76
C7 NAG G . -5.08 3.72 -25.26
C8 NAG G . -6.28 4.64 -25.05
N2 NAG G . -3.88 4.29 -25.25
O3 NAG G . -2.22 3.68 -27.49
O4 NAG G . -0.88 1.11 -27.46
O5 NAG G . -1.53 1.77 -23.86
O6 NAG G . 1.16 1.18 -24.59
O7 NAG G . -5.25 2.51 -25.43
C1 NAG G . 0.02 1.45 -28.46
C2 NAG G . 0.81 0.20 -28.88
C3 NAG G . 2.19 0.57 -29.43
C4 NAG G . 2.16 1.94 -30.08
C5 NAG G . 1.75 3.03 -29.06
C6 NAG G . 0.96 4.15 -29.68
C7 NAG G . 0.51 -1.92 -27.79
C8 NAG G . -0.99 -2.13 -27.98
N2 NAG G . 0.95 -0.68 -27.74
O3 NAG G . 2.61 -0.41 -30.37
O4 NAG G . 3.47 2.24 -30.63
O5 NAG G . 0.93 2.45 -27.99
O6 NAG G . 1.60 4.67 -30.83
O7 NAG G . 1.26 -2.90 -27.66
C1 MAN G . 3.58 2.34 -32.02
C2 MAN G . 4.94 2.93 -32.40
C3 MAN G . 5.09 2.96 -33.92
C4 MAN G . 4.84 1.56 -34.50
C5 MAN G . 3.47 1.05 -34.04
C6 MAN G . 3.17 -0.35 -34.53
O2 MAN G . 5.98 2.13 -31.84
O3 MAN G . 6.41 3.39 -34.29
O4 MAN G . 4.86 1.62 -35.92
O5 MAN G . 3.43 1.04 -32.58
O6 MAN G . 4.07 -1.29 -33.92
C1 MAN G . 6.48 4.43 -35.22
C2 MAN G . 7.81 4.39 -35.97
C3 MAN G . 8.94 4.74 -35.01
C4 MAN G . 8.69 6.10 -34.37
C5 MAN G . 7.31 6.12 -33.69
C6 MAN G . 6.93 7.49 -33.17
O2 MAN G . 7.79 5.32 -37.03
O3 MAN G . 10.18 4.77 -35.72
O4 MAN G . 9.70 6.38 -33.41
O5 MAN G . 6.28 5.71 -34.63
O6 MAN G . 5.84 7.43 -32.28
C1 MAN G . 3.98 -2.55 -34.53
C2 MAN G . 4.39 -3.65 -33.53
C3 MAN G . 5.90 -3.60 -33.26
C4 MAN G . 6.69 -3.62 -34.57
C5 MAN G . 6.19 -2.50 -35.50
C6 MAN G . 6.85 -2.53 -36.86
O2 MAN G . 4.03 -4.92 -34.03
O3 MAN G . 6.28 -4.71 -32.46
O4 MAN G . 8.07 -3.45 -34.32
O5 MAN G . 4.77 -2.64 -35.72
O6 MAN G . 6.76 -3.82 -37.45
C1 NAG H . -9.91 19.78 -12.62
C2 NAG H . -10.59 20.24 -13.91
C3 NAG H . -11.31 21.58 -13.66
C4 NAG H . -12.21 21.51 -12.42
C5 NAG H . -11.42 20.95 -11.23
C6 NAG H . -12.28 20.76 -9.98
C7 NAG H . -9.60 19.62 -16.02
C8 NAG H . -8.55 19.87 -17.09
N2 NAG H . -9.60 20.40 -14.96
O3 NAG H . -12.11 21.91 -14.79
O4 NAG H . -12.70 22.82 -12.09
O5 NAG H . -10.86 19.67 -11.57
O6 NAG H . -13.30 19.79 -10.22
O7 NAG H . -10.42 18.70 -16.18
C1 NAG H . -13.89 23.25 -12.66
C2 NAG H . -14.42 24.46 -11.88
C3 NAG H . -15.96 24.44 -11.85
C4 NAG H . -16.52 23.87 -13.15
C5 NAG H . -16.04 22.42 -13.37
C6 NAG H . -15.72 22.14 -14.83
C7 NAG H . -14.41 23.69 -9.60
C8 NAG H . -14.67 24.29 -8.23
N2 NAG H . -13.90 24.48 -10.54
O3 NAG H . -16.45 25.77 -11.66
O4 NAG H . -17.95 23.89 -13.11
O5 NAG H . -14.84 22.16 -12.60
O6 NAG H . -16.34 20.93 -15.25
O7 NAG H . -14.67 22.50 -9.80
CA CA I . -12.06 -13.21 9.59
C4 KIF J . -13.17 -8.73 7.55
O4 KIF J . -14.13 -8.67 6.48
C3 KIF J . -13.20 -10.26 7.99
O3 KIF J . -12.34 -10.57 9.08
C2 KIF J . -12.82 -11.18 6.74
O2 KIF J . -12.81 -12.54 7.15
C1 KIF J . -11.40 -10.71 6.17
N9 KIF J . -11.15 -11.52 4.98
C8 KIF J . -10.60 -10.57 4.15
O8 KIF J . -9.96 -10.81 3.15
C7 KIF J . -10.90 -9.17 4.68
O7 KIF J . -10.56 -8.11 4.18
N KIF J . -11.64 -9.38 5.74
C5 KIF J . -11.81 -8.30 6.88
C6 KIF J . -10.61 -8.25 7.88
O6 KIF J . -9.17 -8.18 7.89
CA CA K . 13.19 11.50 -10.42
C4 KIF L . 10.78 12.54 -5.97
O4 KIF L . 11.56 12.82 -4.80
C3 KIF L . 11.85 12.39 -7.15
O3 KIF L . 11.29 12.13 -8.43
C2 KIF L . 12.87 11.22 -6.77
O2 KIF L . 13.80 11.08 -7.84
C1 KIF L . 12.03 9.90 -6.52
N9 KIF L . 12.98 8.86 -6.13
C8 KIF L . 12.20 8.18 -5.25
O8 KIF L . 12.41 7.03 -4.88
C7 KIF L . 11.03 9.04 -4.78
O7 KIF L . 10.17 8.73 -3.99
N KIF L . 11.21 10.18 -5.39
C5 KIF L . 10.03 11.19 -5.63
C6 KIF L . 9.06 10.71 -6.78
O6 KIF L . 8.27 9.58 -7.17
#